data_8UB8
#
_entry.id   8UB8
#
_cell.length_a   1.00
_cell.length_b   1.00
_cell.length_c   1.00
_cell.angle_alpha   90.00
_cell.angle_beta   90.00
_cell.angle_gamma   90.00
#
_symmetry.space_group_name_H-M   'P 1'
#
loop_
_entity.id
_entity.type
_entity.pdbx_description
1 polymer 'Reverse transcriptase'
2 polymer Avd
3 polymer 'Diversity-generating retroelement (DGR) RNA avd'
4 polymer 'Diversity-generating retroelement (DGR) RNA TR'
5 polymer 'Diversity-generating retroelement (DGR) RNA Sp'
#
loop_
_entity_poly.entity_id
_entity_poly.type
_entity_poly.pdbx_seq_one_letter_code
_entity_poly.pdbx_strand_id
1 'polypeptide(L)'
;MGKRHRNLIDQITTWENLLDAYRKTSHGKRRTWGYLEFKEYDLANLLALQAELKAGNYERGPYREFLVYEPKPRLISALE
FKDRLVQHALCNIVAPIFEAGLLPYTYACRPDKGTHAGVCHVQAELRRTRATHFLKSDFSKFFPSIDRAALYAMIDKKIH
CAATRRLLRVVLPDEGVGIPIGSLTSQLFANVYGGAVDRLLHDELKQRHWARYMDDIVVLGDDPEELRAVFYRLRDFASE
RLGLKISHWQVAPVSRGINFLGYRIWPTHKLLRKSSVKRAKRKVANFIKHGEDESLQRFLASWSGHAQWADTHNLFTWME
EQYGIACH
;
A
2 'polypeptide(L)'
;MEPIEEATKCYDQMLIVERYERVISYLYPIAQSIPRKHGVAREMFLKCLLGQVELFIVAGKSNQVSKLYAADAGLAMLRF
WLRFLAGIQKPHAMTPHQVETAQVLIAEVGRILGSWIARVNRKGTKVQVGEALVGDGNEVAHIDLIIGPRGSPAETAFCN
GLVNNKHGFTSLLAVIAPNLPCKPNTLMFNKVTINDARQAVQMFGPAQHGVAMAVQDAVAEGIIPADEADDLYVLVGVFI
HWEAADDAKIQKYNYEATKLSIQRAVNGEPKASVVTEQRKSATHPFAANA
;
B,C,D,E,F
3 'polyribonucleotide' GGGGCAGGCUGGGAAAUAA G
4 'polyribonucleotide' CGCUGCUGCGCGGCGACUGUGCCCAUCACCUUCUUG H
5 'polyribonucleotide'
;CAUGGCUCUGCCAACGCUACGGCUUGGCGGGCUGGCCUUUCCUCAAUAGGUGGUCAGCCGGUUCUGUCCUGCUUCGGCGA
ACACGUUACACGGUUCGGCAAAACGUCGAUUACUGAAAAUGGAAAGGCGGGGCCGACUUC
;
I
#
# COMPACT_ATOMS: atom_id res chain seq x y z
N MET A 1 -41.35 11.27 14.39
CA MET A 1 -40.91 10.17 15.30
C MET A 1 -41.94 10.01 16.40
N GLY A 2 -42.02 8.79 16.96
CA GLY A 2 -42.90 8.51 18.07
C GLY A 2 -42.71 7.13 18.70
N LYS A 3 -41.69 7.02 19.57
CA LYS A 3 -41.42 5.87 20.43
C LYS A 3 -41.13 4.60 19.63
N ARG A 4 -41.39 3.46 20.29
CA ARG A 4 -41.16 2.16 19.71
C ARG A 4 -39.69 2.17 19.28
N HIS A 5 -39.41 1.60 18.12
CA HIS A 5 -38.07 1.43 17.59
C HIS A 5 -37.83 -0.03 17.20
N ARG A 6 -38.76 -0.68 16.52
CA ARG A 6 -38.84 -2.13 16.66
C ARG A 6 -38.31 -2.80 15.41
N ASN A 7 -37.19 -2.31 14.86
CA ASN A 7 -36.54 -3.05 13.78
C ASN A 7 -35.21 -2.41 13.43
N LEU A 8 -34.36 -2.36 14.44
CA LEU A 8 -33.13 -1.61 14.34
C LEU A 8 -31.99 -2.47 13.80
N ILE A 9 -31.99 -3.77 14.09
CA ILE A 9 -30.93 -4.62 13.61
C ILE A 9 -30.91 -4.72 12.09
N ASP A 10 -31.98 -4.26 11.43
CA ASP A 10 -31.99 -4.13 9.99
C ASP A 10 -31.14 -2.96 9.57
N GLN A 11 -31.21 -1.85 10.32
CA GLN A 11 -30.42 -0.65 10.00
C GLN A 11 -29.00 -0.81 10.51
N ILE A 12 -28.83 -1.47 11.66
CA ILE A 12 -27.52 -1.75 12.24
C ILE A 12 -26.65 -2.52 11.27
N THR A 13 -27.26 -3.45 10.57
CA THR A 13 -26.52 -4.38 9.72
C THR A 13 -26.63 -3.99 8.26
N THR A 14 -27.19 -2.81 7.93
CA THR A 14 -27.21 -2.30 6.56
C THR A 14 -25.79 -2.05 6.12
N TRP A 15 -25.44 -2.47 4.91
CA TRP A 15 -24.08 -2.34 4.45
C TRP A 15 -23.62 -0.88 4.55
N GLU A 16 -24.47 0.08 4.21
CA GLU A 16 -24.05 1.48 4.22
C GLU A 16 -23.80 1.95 5.64
N ASN A 17 -24.32 1.22 6.64
CA ASN A 17 -24.11 1.59 8.03
C ASN A 17 -22.85 0.93 8.56
N LEU A 18 -22.63 -0.34 8.25
CA LEU A 18 -21.41 -1.01 8.67
C LEU A 18 -20.19 -0.40 8.00
N LEU A 19 -20.34 0.13 6.79
CA LEU A 19 -19.26 0.89 6.19
C LEU A 19 -19.01 2.18 6.95
N ASP A 20 -20.05 2.83 7.43
CA ASP A 20 -19.87 3.99 8.31
C ASP A 20 -19.22 3.56 9.59
N ALA A 21 -19.68 2.46 10.16
CA ALA A 21 -19.07 1.94 11.37
C ALA A 21 -17.62 1.55 11.14
N TYR A 22 -17.30 0.99 9.97
CA TYR A 22 -15.93 0.64 9.60
C TYR A 22 -15.09 1.89 9.49
N ARG A 23 -15.62 2.93 8.85
CA ARG A 23 -14.91 4.18 8.72
C ARG A 23 -14.72 4.79 10.11
N LYS A 24 -15.77 4.81 10.92
CA LYS A 24 -15.70 5.41 12.23
C LYS A 24 -14.68 4.65 13.08
N THR A 25 -14.71 3.33 13.02
CA THR A 25 -13.85 2.53 13.85
C THR A 25 -12.39 2.72 13.48
N SER A 26 -12.12 2.93 12.19
CA SER A 26 -10.76 3.06 11.70
C SER A 26 -10.25 4.49 11.85
N HIS A 27 -11.13 5.49 12.01
CA HIS A 27 -10.75 6.91 12.06
C HIS A 27 -9.80 7.17 13.20
N GLY A 28 -8.52 7.38 12.86
CA GLY A 28 -7.49 7.65 13.82
C GLY A 28 -6.75 6.38 14.20
N LYS A 29 -7.34 5.20 13.97
CA LYS A 29 -6.67 3.94 14.34
C LYS A 29 -5.97 3.29 13.14
N ARG A 30 -5.63 4.06 12.11
CA ARG A 30 -5.10 3.49 10.89
C ARG A 30 -3.61 3.21 11.00
N ARG A 31 -3.08 3.16 12.22
CA ARG A 31 -1.69 2.81 12.43
C ARG A 31 -1.58 1.57 13.32
N THR A 32 -2.71 0.88 13.54
CA THR A 32 -2.80 -0.08 14.64
C THR A 32 -2.89 -1.48 14.11
N TRP A 33 -2.51 -2.45 14.91
CA TRP A 33 -2.55 -3.82 14.46
C TRP A 33 -3.99 -4.20 14.10
N GLY A 34 -4.98 -3.65 14.79
CA GLY A 34 -6.38 -4.02 14.58
C GLY A 34 -6.83 -3.66 13.18
N TYR A 35 -6.57 -2.41 12.77
CA TYR A 35 -7.02 -1.95 11.46
C TYR A 35 -6.22 -2.62 10.35
N LEU A 36 -4.89 -2.70 10.52
CA LEU A 36 -4.02 -3.22 9.48
C LEU A 36 -4.27 -4.71 9.21
N GLU A 37 -4.66 -5.46 10.24
CA GLU A 37 -5.05 -6.84 10.07
C GLU A 37 -6.47 -6.92 9.51
N PHE A 38 -7.29 -5.89 9.75
CA PHE A 38 -8.65 -5.91 9.25
C PHE A 38 -8.67 -5.32 7.84
N LYS A 39 -7.84 -4.30 7.59
CA LYS A 39 -7.86 -3.54 6.34
C LYS A 39 -7.58 -4.45 5.16
N GLU A 40 -6.86 -5.55 5.42
CA GLU A 40 -6.49 -6.50 4.38
C GLU A 40 -7.71 -6.95 3.57
N TYR A 41 -8.62 -7.66 4.23
CA TYR A 41 -9.88 -8.04 3.64
C TYR A 41 -11.04 -7.20 4.23
N ASP A 42 -10.94 -5.88 4.14
CA ASP A 42 -11.85 -5.03 4.87
C ASP A 42 -13.30 -5.29 4.45
N LEU A 43 -13.60 -5.19 3.16
CA LEU A 43 -14.97 -5.36 2.69
C LEU A 43 -15.43 -6.81 2.79
N ALA A 44 -14.48 -7.75 2.89
CA ALA A 44 -14.85 -9.14 3.13
C ALA A 44 -15.10 -9.38 4.62
N ASN A 45 -14.32 -8.71 5.48
CA ASN A 45 -14.51 -8.81 6.91
C ASN A 45 -15.82 -8.15 7.32
N LEU A 46 -16.20 -7.06 6.65
CA LEU A 46 -17.50 -6.48 6.93
C LEU A 46 -18.65 -7.41 6.51
N LEU A 47 -18.39 -8.31 5.57
CA LEU A 47 -19.43 -9.19 5.11
C LEU A 47 -19.62 -10.32 6.10
N ALA A 48 -18.56 -10.83 6.76
CA ALA A 48 -18.71 -11.90 7.71
C ALA A 48 -19.12 -11.34 9.06
N LEU A 49 -18.99 -10.03 9.23
CA LEU A 49 -19.47 -9.39 10.46
C LEU A 49 -20.94 -9.02 10.30
N GLN A 50 -21.34 -8.49 9.15
CA GLN A 50 -22.74 -8.27 8.84
C GLN A 50 -23.52 -9.57 8.98
N ALA A 51 -23.04 -10.64 8.35
CA ALA A 51 -23.71 -11.92 8.43
C ALA A 51 -23.59 -12.57 9.80
N GLU A 52 -22.76 -12.05 10.68
CA GLU A 52 -22.75 -12.55 12.05
C GLU A 52 -23.73 -11.75 12.89
N LEU A 53 -23.85 -10.42 12.65
CA LEU A 53 -24.84 -9.60 13.33
C LEU A 53 -26.22 -9.98 12.81
N LYS A 54 -26.40 -9.93 11.50
CA LYS A 54 -27.73 -10.12 10.92
C LYS A 54 -28.28 -11.52 11.19
N ALA A 55 -27.44 -12.46 11.61
CA ALA A 55 -27.89 -13.81 11.91
C ALA A 55 -28.19 -13.99 13.40
N GLY A 56 -27.62 -13.14 14.26
CA GLY A 56 -27.78 -13.27 15.70
C GLY A 56 -26.69 -14.16 16.28
N ASN A 57 -25.54 -14.16 15.61
CA ASN A 57 -24.44 -15.04 16.00
C ASN A 57 -23.20 -14.22 16.36
N TYR A 58 -23.34 -12.91 16.56
CA TYR A 58 -22.21 -12.09 16.98
C TYR A 58 -21.96 -12.31 18.46
N GLU A 59 -20.68 -12.54 18.78
CA GLU A 59 -20.26 -12.63 20.16
C GLU A 59 -19.10 -11.66 20.32
N ARG A 60 -19.20 -10.80 21.32
CA ARG A 60 -18.20 -9.78 21.54
C ARG A 60 -16.92 -10.45 22.01
N GLY A 61 -15.83 -10.15 21.32
CA GLY A 61 -14.54 -10.66 21.69
C GLY A 61 -14.14 -10.21 23.09
N PRO A 62 -13.22 -10.93 23.75
CA PRO A 62 -12.83 -10.60 25.11
C PRO A 62 -12.05 -9.29 25.16
N TYR A 63 -12.43 -8.45 26.12
CA TYR A 63 -11.64 -7.28 26.45
C TYR A 63 -10.24 -7.71 26.84
N ARG A 64 -9.23 -7.02 26.29
CA ARG A 64 -7.86 -7.10 26.78
C ARG A 64 -7.69 -5.99 27.81
N GLU A 65 -7.59 -6.36 29.09
CA GLU A 65 -7.76 -5.40 30.16
C GLU A 65 -6.38 -5.03 30.71
N PHE A 66 -5.93 -3.83 30.31
CA PHE A 66 -4.78 -3.17 30.90
C PHE A 66 -5.29 -2.04 31.76
N LEU A 67 -4.35 -1.33 32.40
CA LEU A 67 -4.69 -0.19 33.22
C LEU A 67 -3.79 0.98 32.85
N VAL A 68 -4.40 1.99 32.23
CA VAL A 68 -3.70 3.21 31.99
C VAL A 68 -3.72 3.86 33.37
N TYR A 69 -2.68 4.61 33.71
CA TYR A 69 -2.58 5.16 35.06
C TYR A 69 -2.40 6.68 35.02
N GLU A 70 -2.53 7.28 33.83
CA GLU A 70 -2.08 8.66 33.61
C GLU A 70 -2.67 9.66 34.61
N PRO A 71 -3.94 10.13 34.54
CA PRO A 71 -4.35 11.09 35.55
C PRO A 71 -4.52 10.38 36.86
N LYS A 72 -5.03 9.14 36.81
CA LYS A 72 -5.23 8.30 37.97
C LYS A 72 -5.40 6.89 37.44
N PRO A 73 -5.17 5.83 38.23
CA PRO A 73 -5.32 4.51 37.64
C PRO A 73 -6.75 4.16 37.23
N ARG A 74 -6.93 3.77 35.96
CA ARG A 74 -8.22 3.36 35.43
C ARG A 74 -8.04 2.08 34.63
N LEU A 75 -8.77 1.03 35.03
CA LEU A 75 -8.76 -0.24 34.31
C LEU A 75 -9.43 -0.06 32.96
N ILE A 76 -8.60 0.26 31.95
CA ILE A 76 -9.10 0.46 30.61
C ILE A 76 -9.03 -0.86 29.86
N SER A 77 -10.20 -1.41 29.51
CA SER A 77 -10.30 -2.63 28.73
C SER A 77 -10.56 -2.29 27.27
N ALA A 78 -9.56 -2.56 26.41
CA ALA A 78 -9.69 -2.31 24.99
C ALA A 78 -10.40 -3.49 24.33
N LEU A 79 -10.81 -3.27 23.07
CA LEU A 79 -11.56 -4.25 22.28
C LEU A 79 -10.92 -4.43 20.91
N GLU A 80 -11.19 -5.61 20.32
CA GLU A 80 -10.71 -5.90 18.98
C GLU A 80 -11.37 -4.94 18.00
N PHE A 81 -10.75 -4.72 16.85
CA PHE A 81 -11.29 -3.79 15.88
C PHE A 81 -12.66 -4.26 15.40
N LYS A 82 -12.85 -5.58 15.31
CA LYS A 82 -14.16 -6.11 14.94
C LYS A 82 -15.20 -5.74 15.99
N ASP A 83 -14.82 -5.73 17.28
CA ASP A 83 -15.78 -5.45 18.32
C ASP A 83 -16.06 -3.96 18.42
N ARG A 84 -15.02 -3.14 18.29
CA ARG A 84 -15.22 -1.68 18.26
C ARG A 84 -16.03 -1.28 17.02
N LEU A 85 -15.98 -2.09 15.96
CA LEU A 85 -16.76 -1.80 14.76
C LEU A 85 -18.22 -2.11 15.00
N VAL A 86 -18.51 -3.21 15.73
CA VAL A 86 -19.86 -3.57 16.05
C VAL A 86 -20.46 -2.56 17.00
N GLN A 87 -19.65 -2.08 17.95
CA GLN A 87 -20.11 -1.00 18.81
C GLN A 87 -20.42 0.24 17.99
N HIS A 88 -19.60 0.54 16.99
CA HIS A 88 -19.83 1.70 16.16
C HIS A 88 -21.05 1.47 15.28
N ALA A 89 -21.31 0.23 14.89
CA ALA A 89 -22.51 -0.08 14.12
C ALA A 89 -23.74 0.04 14.99
N LEU A 90 -23.65 -0.36 16.25
CA LEU A 90 -24.77 -0.15 17.17
C LEU A 90 -24.92 1.38 17.42
N CYS A 91 -23.87 2.06 17.88
CA CYS A 91 -23.98 3.45 18.26
C CYS A 91 -24.08 4.36 17.05
N ASN A 92 -24.51 3.83 15.91
CA ASN A 92 -24.87 4.68 14.78
C ASN A 92 -26.39 4.74 14.65
N ILE A 93 -27.06 3.67 15.08
CA ILE A 93 -28.51 3.57 15.01
C ILE A 93 -29.10 3.70 16.41
N VAL A 94 -28.36 3.19 17.42
CA VAL A 94 -28.87 3.17 18.79
C VAL A 94 -28.54 4.45 19.53
N ALA A 95 -27.43 5.10 19.18
CA ALA A 95 -27.01 6.29 19.90
C ALA A 95 -27.96 7.44 19.63
N PRO A 96 -28.36 7.75 18.38
CA PRO A 96 -29.18 8.94 18.14
C PRO A 96 -30.63 8.78 18.58
N ILE A 97 -30.97 7.63 19.20
CA ILE A 97 -32.30 7.46 19.75
C ILE A 97 -32.25 7.47 21.27
N PHE A 98 -31.05 7.53 21.85
CA PHE A 98 -30.87 7.86 23.26
C PHE A 98 -30.45 9.33 23.43
N GLU A 99 -29.46 9.73 22.62
CA GLU A 99 -28.94 11.07 22.64
C GLU A 99 -29.99 12.11 22.23
N ALA A 100 -31.12 11.69 21.66
CA ALA A 100 -32.20 12.59 21.32
C ALA A 100 -32.99 12.93 22.58
N GLY A 101 -33.17 11.96 23.45
CA GLY A 101 -33.99 12.24 24.61
C GLY A 101 -33.21 12.91 25.73
N LEU A 102 -31.87 12.93 25.64
CA LEU A 102 -31.06 13.62 26.65
C LEU A 102 -31.39 15.11 26.62
N LEU A 103 -31.76 15.64 27.81
CA LEU A 103 -32.07 17.06 27.98
C LEU A 103 -30.86 17.87 27.50
N PRO A 104 -31.09 19.15 27.13
CA PRO A 104 -30.08 19.88 26.37
C PRO A 104 -28.83 20.22 27.15
N TYR A 105 -28.93 20.18 28.47
CA TYR A 105 -27.83 20.56 29.38
C TYR A 105 -26.88 19.41 29.69
N THR A 106 -27.07 18.22 29.11
CA THR A 106 -26.09 17.13 29.25
C THR A 106 -25.11 17.33 28.11
N TYR A 107 -23.82 17.54 28.37
CA TYR A 107 -22.91 17.94 27.28
C TYR A 107 -21.87 16.90 26.92
N ALA A 108 -21.99 15.69 27.44
CA ALA A 108 -21.04 14.62 27.20
C ALA A 108 -21.42 13.90 25.91
N CYS A 109 -20.42 13.20 25.36
CA CYS A 109 -20.51 12.34 24.19
C CYS A 109 -21.83 12.48 23.42
N ARG A 110 -22.06 13.69 22.91
CA ARG A 110 -23.22 13.95 22.08
C ARG A 110 -22.63 14.79 20.97
N PRO A 111 -23.19 14.78 19.76
CA PRO A 111 -22.71 15.71 18.74
C PRO A 111 -23.03 17.16 19.07
N ASP A 112 -22.09 18.06 18.75
CA ASP A 112 -22.22 19.50 18.88
C ASP A 112 -22.28 20.00 20.33
N LYS A 113 -22.15 19.09 21.27
CA LYS A 113 -22.10 19.44 22.66
C LYS A 113 -20.87 18.68 23.11
N GLY A 114 -20.09 19.31 23.97
CA GLY A 114 -18.83 18.71 24.37
C GLY A 114 -18.32 19.33 25.65
N THR A 115 -17.01 19.19 25.80
CA THR A 115 -16.31 19.70 26.95
C THR A 115 -16.46 21.22 27.03
N HIS A 116 -16.45 21.89 25.87
CA HIS A 116 -16.45 23.35 25.86
C HIS A 116 -17.86 23.91 25.99
N ALA A 117 -18.79 23.34 25.21
CA ALA A 117 -20.18 23.77 25.30
C ALA A 117 -20.69 23.68 26.74
N GLY A 118 -20.14 22.76 27.54
CA GLY A 118 -20.47 22.68 28.95
C GLY A 118 -19.90 23.85 29.73
N VAL A 119 -18.59 24.12 29.57
CA VAL A 119 -17.96 25.18 30.33
C VAL A 119 -18.55 26.54 29.92
N CYS A 120 -19.11 26.60 28.71
CA CYS A 120 -19.72 27.83 28.24
C CYS A 120 -21.15 27.95 28.77
N HIS A 121 -21.88 26.84 28.86
CA HIS A 121 -23.23 26.87 29.39
C HIS A 121 -23.22 27.20 30.87
N VAL A 122 -22.21 26.67 31.56
CA VAL A 122 -22.06 26.95 33.02
C VAL A 122 -21.68 28.43 33.16
N GLN A 123 -20.64 28.90 32.45
CA GLN A 123 -20.33 30.36 32.52
C GLN A 123 -21.61 31.12 32.17
N ALA A 124 -22.13 30.94 30.96
CA ALA A 124 -23.34 31.66 30.54
C ALA A 124 -24.39 31.59 31.64
N GLU A 125 -24.98 30.42 31.84
CA GLU A 125 -26.02 30.25 32.84
C GLU A 125 -25.55 30.79 34.18
N LEU A 126 -24.26 31.15 34.29
CA LEU A 126 -23.78 31.84 35.50
C LEU A 126 -24.03 33.34 35.38
N ARG A 127 -23.86 33.90 34.17
CA ARG A 127 -24.07 35.32 33.97
C ARG A 127 -25.56 35.61 34.07
N ARG A 128 -26.35 35.05 33.15
CA ARG A 128 -27.79 35.10 33.31
C ARG A 128 -28.16 34.32 34.57
N THR A 129 -29.34 34.65 35.11
CA THR A 129 -29.81 34.13 36.38
C THR A 129 -29.01 34.74 37.53
N ARG A 130 -27.77 35.18 37.25
CA ARG A 130 -26.93 35.87 38.22
C ARG A 130 -26.79 35.01 39.48
N ALA A 131 -26.29 33.79 39.28
CA ALA A 131 -26.34 32.75 40.32
C ALA A 131 -25.44 33.12 41.49
N THR A 132 -25.98 32.97 42.70
CA THR A 132 -25.25 33.31 43.90
C THR A 132 -24.47 32.11 44.40
N HIS A 133 -24.94 30.91 44.15
CA HIS A 133 -24.27 29.69 44.59
C HIS A 133 -24.42 28.59 43.56
N PHE A 134 -23.75 27.47 43.81
CA PHE A 134 -23.65 26.41 42.80
C PHE A 134 -23.29 25.09 43.44
N LEU A 135 -23.99 24.02 43.07
CA LEU A 135 -23.73 22.69 43.56
C LEU A 135 -23.00 21.91 42.47
N LYS A 136 -21.83 21.43 42.81
CA LYS A 136 -21.06 20.60 41.92
C LYS A 136 -20.95 19.25 42.58
N SER A 137 -21.36 18.21 41.85
CA SER A 137 -21.22 16.84 42.35
C SER A 137 -20.41 16.01 41.37
N ASP A 138 -20.17 14.78 41.77
CA ASP A 138 -19.42 13.85 40.96
C ASP A 138 -19.70 12.46 41.52
N PHE A 139 -19.81 11.51 40.61
CA PHE A 139 -20.14 10.14 40.95
C PHE A 139 -18.86 9.33 41.13
N SER A 140 -18.80 8.62 42.27
CA SER A 140 -17.63 7.92 42.75
C SER A 140 -16.91 7.22 41.61
N LYS A 141 -17.19 5.94 41.43
CA LYS A 141 -16.71 5.22 40.26
C LYS A 141 -17.92 5.15 39.39
N PHE A 142 -18.01 6.00 38.37
CA PHE A 142 -19.26 6.10 37.64
C PHE A 142 -19.43 4.88 36.75
N PHE A 143 -18.51 4.67 35.80
CA PHE A 143 -18.56 3.47 34.98
C PHE A 143 -18.55 2.17 35.78
N PRO A 144 -17.71 1.98 36.81
CA PRO A 144 -17.79 0.78 37.61
C PRO A 144 -18.87 0.77 38.69
N SER A 145 -19.89 1.60 38.53
CA SER A 145 -21.05 1.52 39.39
C SER A 145 -22.36 1.49 38.60
N ILE A 146 -22.33 1.79 37.31
CA ILE A 146 -23.56 1.74 36.54
C ILE A 146 -24.14 0.33 36.64
N ASP A 147 -25.42 0.27 37.07
CA ASP A 147 -26.00 -0.94 37.60
C ASP A 147 -26.04 -2.09 36.59
N ARG A 148 -26.02 -1.77 35.30
CA ARG A 148 -26.09 -2.77 34.23
C ARG A 148 -27.30 -3.62 34.44
N ALA A 149 -28.37 -2.99 34.97
CA ALA A 149 -29.60 -3.72 35.20
C ALA A 149 -30.75 -2.74 35.13
N ALA A 150 -30.55 -1.65 35.87
CA ALA A 150 -31.38 -0.45 35.78
C ALA A 150 -31.02 0.36 34.54
N LEU A 151 -29.79 0.19 34.02
CA LEU A 151 -29.44 0.68 32.69
C LEU A 151 -30.28 -0.03 31.64
N TYR A 152 -30.45 -1.33 31.78
CA TYR A 152 -31.28 -2.06 30.82
C TYR A 152 -32.78 -1.94 31.14
N ALA A 153 -33.15 -0.91 31.89
CA ALA A 153 -34.52 -0.46 31.99
C ALA A 153 -34.71 0.86 31.23
N MET A 154 -33.61 1.42 30.75
CA MET A 154 -33.60 2.59 29.89
C MET A 154 -33.20 2.16 28.48
N ILE A 155 -32.28 1.19 28.36
CA ILE A 155 -31.86 0.70 27.05
C ILE A 155 -32.96 -0.23 26.53
N ASP A 156 -33.91 -0.59 27.39
CA ASP A 156 -35.05 -1.41 26.98
C ASP A 156 -36.33 -0.60 27.08
N LYS A 157 -36.25 0.71 27.34
CA LYS A 157 -37.42 1.56 27.23
C LYS A 157 -37.33 2.28 25.89
N LYS A 158 -36.33 1.95 25.07
CA LYS A 158 -36.17 2.72 23.85
C LYS A 158 -35.82 1.89 22.63
N ILE A 159 -35.32 0.68 22.84
CA ILE A 159 -34.86 -0.12 21.71
C ILE A 159 -35.97 -1.04 21.20
N HIS A 160 -36.74 -1.70 22.09
CA HIS A 160 -37.96 -2.37 21.62
C HIS A 160 -37.72 -3.49 20.59
N CYS A 161 -36.61 -3.42 19.88
CA CYS A 161 -36.28 -4.41 18.87
C CYS A 161 -35.62 -5.61 19.53
N ALA A 162 -36.29 -6.76 19.47
CA ALA A 162 -35.87 -7.89 20.27
C ALA A 162 -34.50 -8.44 19.83
N ALA A 163 -33.96 -7.91 18.73
CA ALA A 163 -32.66 -8.35 18.20
C ALA A 163 -31.58 -7.34 18.57
N THR A 164 -31.87 -6.04 18.45
CA THR A 164 -30.93 -5.02 18.89
C THR A 164 -30.76 -5.06 20.39
N ARG A 165 -31.86 -5.28 21.10
CA ARG A 165 -31.79 -5.50 22.54
C ARG A 165 -30.88 -6.68 22.91
N ARG A 166 -30.71 -7.65 22.02
CA ARG A 166 -29.80 -8.75 22.25
C ARG A 166 -28.40 -8.42 21.76
N LEU A 167 -28.23 -7.50 20.81
CA LEU A 167 -26.89 -7.08 20.43
C LEU A 167 -26.35 -6.13 21.48
N LEU A 168 -27.18 -5.28 22.10
CA LEU A 168 -26.71 -4.47 23.21
C LEU A 168 -26.39 -5.39 24.39
N ARG A 169 -26.98 -6.57 24.47
CA ARG A 169 -26.70 -7.42 25.59
C ARG A 169 -25.64 -8.43 25.22
N VAL A 170 -24.97 -8.21 24.10
CA VAL A 170 -23.82 -9.03 23.79
C VAL A 170 -22.66 -8.10 23.93
N VAL A 171 -22.93 -6.85 23.58
CA VAL A 171 -21.95 -5.84 23.85
C VAL A 171 -21.84 -5.60 25.36
N LEU A 172 -22.93 -5.28 26.03
CA LEU A 172 -22.88 -5.08 27.47
C LEU A 172 -23.83 -6.04 28.17
N PRO A 173 -23.46 -7.27 28.60
CA PRO A 173 -24.43 -8.12 29.31
C PRO A 173 -25.13 -7.36 30.43
N ASP A 174 -26.41 -7.68 30.65
CA ASP A 174 -27.31 -7.00 31.57
C ASP A 174 -27.24 -7.63 32.95
N GLU A 175 -26.03 -7.89 33.47
CA GLU A 175 -25.91 -8.57 34.75
C GLU A 175 -25.72 -7.57 35.89
N GLY A 176 -24.45 -7.41 36.29
CA GLY A 176 -24.12 -6.71 37.52
C GLY A 176 -23.39 -5.40 37.26
N VAL A 177 -23.15 -4.63 38.33
CA VAL A 177 -22.50 -3.34 38.26
C VAL A 177 -21.15 -3.48 37.55
N GLY A 178 -20.94 -2.61 36.56
CA GLY A 178 -19.65 -2.53 35.88
C GLY A 178 -19.76 -2.37 34.37
N ILE A 179 -19.91 -1.15 33.90
CA ILE A 179 -19.78 -0.88 32.47
C ILE A 179 -18.32 -0.68 32.15
N PRO A 180 -17.70 -1.56 31.33
CA PRO A 180 -16.35 -1.37 30.84
C PRO A 180 -15.96 0.01 30.37
N ILE A 181 -15.13 0.69 31.16
CA ILE A 181 -14.63 1.98 30.71
C ILE A 181 -13.57 1.74 29.63
N GLY A 182 -13.78 2.40 28.47
CA GLY A 182 -12.96 2.14 27.30
C GLY A 182 -13.73 1.45 26.19
N SER A 183 -14.96 1.89 26.00
CA SER A 183 -15.86 1.30 25.01
C SER A 183 -16.85 2.38 24.60
N LEU A 184 -17.13 2.42 23.32
CA LEU A 184 -17.99 3.44 22.79
C LEU A 184 -19.38 3.20 23.35
N THR A 185 -19.81 1.94 23.35
CA THR A 185 -21.14 1.60 23.83
C THR A 185 -21.31 2.08 25.25
N SER A 186 -20.18 2.13 25.98
CA SER A 186 -20.16 2.50 27.39
C SER A 186 -20.31 4.00 27.63
N GLN A 187 -19.69 4.82 26.78
CA GLN A 187 -19.74 6.23 27.02
C GLN A 187 -21.18 6.57 26.81
N LEU A 188 -21.83 5.85 25.90
CA LEU A 188 -23.17 6.27 25.59
C LEU A 188 -24.08 5.87 26.74
N PHE A 189 -23.94 4.61 27.14
CA PHE A 189 -24.80 4.08 28.16
C PHE A 189 -24.59 4.79 29.49
N ALA A 190 -23.48 5.50 29.66
CA ALA A 190 -23.24 6.23 30.87
C ALA A 190 -23.88 7.61 30.82
N ASN A 191 -23.86 8.24 29.64
CA ASN A 191 -24.53 9.51 29.49
C ASN A 191 -26.04 9.25 29.63
N VAL A 192 -26.54 8.15 29.09
CA VAL A 192 -27.94 7.79 29.24
C VAL A 192 -28.21 7.55 30.71
N TYR A 193 -27.33 6.78 31.37
CA TYR A 193 -27.48 6.44 32.78
C TYR A 193 -27.51 7.70 33.61
N GLY A 194 -26.49 8.54 33.48
CA GLY A 194 -26.44 9.83 34.17
C GLY A 194 -27.58 10.73 33.77
N GLY A 195 -28.19 10.49 32.61
CA GLY A 195 -29.35 11.25 32.19
C GLY A 195 -30.57 11.03 33.09
N ALA A 196 -30.53 9.99 33.93
CA ALA A 196 -31.61 9.76 34.83
C ALA A 196 -31.61 10.88 35.88
N VAL A 197 -30.41 11.27 36.33
CA VAL A 197 -30.27 12.32 37.33
C VAL A 197 -30.57 13.64 36.66
N ASP A 198 -30.37 13.72 35.35
CA ASP A 198 -30.75 14.92 34.63
C ASP A 198 -32.27 15.10 34.70
N ARG A 199 -33.01 14.03 34.54
CA ARG A 199 -34.43 14.16 34.58
C ARG A 199 -34.84 14.36 36.03
N LEU A 200 -34.06 13.94 37.00
CA LEU A 200 -34.47 14.19 38.36
C LEU A 200 -34.10 15.60 38.78
N LEU A 201 -33.23 16.26 38.04
CA LEU A 201 -32.92 17.66 38.32
C LEU A 201 -33.87 18.55 37.53
N HIS A 202 -34.05 18.25 36.23
CA HIS A 202 -34.84 19.05 35.34
C HIS A 202 -36.35 18.79 35.51
N ASP A 203 -36.77 17.53 35.58
CA ASP A 203 -38.19 17.20 35.62
C ASP A 203 -38.71 17.26 37.06
N GLU A 204 -38.23 16.35 37.90
CA GLU A 204 -38.40 16.49 39.34
C GLU A 204 -37.40 17.53 39.83
N LEU A 205 -37.66 18.09 41.01
CA LEU A 205 -36.75 19.07 41.61
C LEU A 205 -36.77 20.41 40.89
N LYS A 206 -37.21 20.41 39.61
CA LYS A 206 -37.43 21.62 38.84
C LYS A 206 -36.18 22.52 38.86
N GLN A 207 -35.02 21.94 38.59
CA GLN A 207 -33.81 22.72 38.43
C GLN A 207 -33.57 22.91 36.92
N ARG A 208 -33.50 24.19 36.52
CA ARG A 208 -33.42 24.57 35.13
C ARG A 208 -32.04 25.09 34.76
N HIS A 209 -31.22 25.41 35.77
CA HIS A 209 -29.91 25.97 35.51
C HIS A 209 -28.88 24.96 36.03
N TRP A 210 -28.48 24.05 35.14
CA TRP A 210 -27.59 22.98 35.53
C TRP A 210 -26.80 22.49 34.34
N ALA A 211 -25.84 21.63 34.60
CA ALA A 211 -25.11 21.02 33.51
C ALA A 211 -24.51 19.70 34.01
N ARG A 212 -24.60 18.66 33.19
CA ARG A 212 -23.93 17.43 33.45
C ARG A 212 -22.97 17.09 32.32
N TYR A 213 -21.72 16.73 32.68
CA TYR A 213 -20.82 16.10 31.75
C TYR A 213 -20.51 14.72 32.28
N MET A 214 -21.21 13.72 31.74
CA MET A 214 -21.07 12.33 32.18
C MET A 214 -21.42 12.23 33.66
N ASP A 215 -20.43 12.28 34.53
CA ASP A 215 -20.69 12.14 35.96
C ASP A 215 -20.62 13.45 36.76
N ASP A 216 -20.09 14.53 36.18
CA ASP A 216 -19.95 15.80 36.86
C ASP A 216 -21.21 16.60 36.67
N ILE A 217 -21.76 17.20 37.73
CA ILE A 217 -23.03 17.88 37.61
C ILE A 217 -22.97 19.22 38.33
N VAL A 218 -23.08 20.28 37.57
CA VAL A 218 -23.14 21.61 38.15
C VAL A 218 -24.60 21.99 38.25
N VAL A 219 -24.98 22.63 39.33
CA VAL A 219 -26.36 23.13 39.45
C VAL A 219 -26.32 24.51 40.10
N LEU A 220 -26.28 25.53 39.25
CA LEU A 220 -26.20 26.92 39.72
C LEU A 220 -27.54 27.30 40.34
N GLY A 221 -27.49 28.12 41.38
CA GLY A 221 -28.68 28.43 42.16
C GLY A 221 -28.72 29.88 42.62
N ASP A 222 -29.24 30.09 43.81
CA ASP A 222 -29.51 31.42 44.34
C ASP A 222 -29.54 31.37 45.86
N ASP A 223 -29.92 30.21 46.37
CA ASP A 223 -29.82 29.89 47.77
C ASP A 223 -28.90 28.69 47.92
N PRO A 224 -28.01 28.71 48.93
CA PRO A 224 -27.15 27.56 49.17
C PRO A 224 -27.83 26.46 49.98
N GLU A 225 -29.10 26.68 50.37
CA GLU A 225 -29.85 25.70 51.12
C GLU A 225 -30.74 24.87 50.20
N GLU A 226 -31.34 25.50 49.18
CA GLU A 226 -32.11 24.78 48.18
C GLU A 226 -31.21 23.88 47.34
N LEU A 227 -30.01 24.38 47.03
CA LEU A 227 -29.02 23.61 46.30
C LEU A 227 -28.55 22.41 47.09
N ARG A 228 -28.44 22.58 48.40
CA ARG A 228 -28.05 21.46 49.24
C ARG A 228 -29.19 20.44 49.30
N ALA A 229 -30.44 20.93 49.37
CA ALA A 229 -31.59 20.04 49.35
C ALA A 229 -31.65 19.28 48.02
N VAL A 230 -31.36 19.98 46.93
CA VAL A 230 -31.39 19.39 45.61
C VAL A 230 -30.34 18.29 45.53
N PHE A 231 -29.16 18.50 46.14
CA PHE A 231 -28.13 17.47 46.14
C PHE A 231 -28.57 16.27 46.96
N TYR A 232 -28.98 16.51 48.19
CA TYR A 232 -29.49 15.44 49.02
C TYR A 232 -30.55 14.66 48.24
N ARG A 233 -31.49 15.33 47.58
CA ARG A 233 -32.47 14.64 46.77
C ARG A 233 -31.82 13.95 45.58
N LEU A 234 -30.83 14.56 44.98
CA LEU A 234 -30.12 13.92 43.88
C LEU A 234 -29.29 12.74 44.38
N ARG A 235 -28.63 12.87 45.53
CA ARG A 235 -27.76 11.82 46.05
C ARG A 235 -28.63 10.63 46.45
N ASP A 236 -29.74 10.90 47.13
CA ASP A 236 -30.61 9.83 47.61
C ASP A 236 -31.17 9.06 46.43
N PHE A 237 -31.50 9.75 45.33
CA PHE A 237 -31.99 9.09 44.13
C PHE A 237 -30.91 8.25 43.43
N ALA A 238 -29.81 8.87 43.06
CA ALA A 238 -28.71 8.20 42.38
C ALA A 238 -28.14 7.04 43.20
N SER A 239 -28.42 6.99 44.51
CA SER A 239 -27.94 5.89 45.33
C SER A 239 -28.98 4.77 45.40
N GLU A 240 -30.24 5.13 45.66
CA GLU A 240 -31.27 4.11 45.85
C GLU A 240 -31.89 3.66 44.53
N ARG A 241 -31.65 4.41 43.45
CA ARG A 241 -32.14 4.07 42.12
C ARG A 241 -31.05 3.58 41.16
N LEU A 242 -29.88 4.21 41.21
CA LEU A 242 -28.85 4.00 40.21
C LEU A 242 -27.61 3.39 40.82
N GLY A 243 -27.54 3.25 42.14
CA GLY A 243 -26.38 2.64 42.78
C GLY A 243 -25.10 3.46 42.60
N LEU A 244 -25.23 4.79 42.47
CA LEU A 244 -24.07 5.66 42.34
C LEU A 244 -23.80 6.43 43.62
N LYS A 245 -22.68 6.15 44.27
CA LYS A 245 -22.26 6.89 45.45
C LYS A 245 -21.63 8.18 44.97
N ILE A 246 -21.87 9.27 45.73
CA ILE A 246 -21.28 10.56 45.42
C ILE A 246 -19.91 10.62 46.06
N SER A 247 -18.86 10.60 45.24
CA SER A 247 -17.51 10.75 45.76
C SER A 247 -17.37 12.15 46.38
N HIS A 248 -17.23 13.17 45.54
CA HIS A 248 -17.08 14.54 46.01
C HIS A 248 -18.34 15.30 45.68
N TRP A 249 -18.66 16.30 46.50
CA TRP A 249 -19.68 17.27 46.17
C TRP A 249 -19.42 18.53 46.96
N GLN A 250 -19.94 19.66 46.44
CA GLN A 250 -19.75 20.93 47.11
C GLN A 250 -20.83 21.90 46.73
N VAL A 251 -21.51 22.48 47.72
CA VAL A 251 -22.40 23.59 47.45
C VAL A 251 -21.65 24.83 47.86
N ALA A 252 -20.81 25.31 46.95
CA ALA A 252 -20.04 26.51 47.17
C ALA A 252 -20.74 27.73 46.59
N PRO A 253 -20.40 28.94 47.05
CA PRO A 253 -20.89 30.14 46.38
C PRO A 253 -20.13 30.34 45.07
N VAL A 254 -20.74 31.02 44.11
CA VAL A 254 -20.05 31.34 42.88
C VAL A 254 -19.04 32.42 43.24
N SER A 255 -17.90 31.91 43.69
CA SER A 255 -16.79 32.70 44.16
C SER A 255 -15.61 31.74 44.23
N ARG A 256 -15.90 30.50 44.59
CA ARG A 256 -14.91 29.47 44.71
C ARG A 256 -14.53 28.91 43.35
N GLY A 257 -15.28 29.26 42.30
CA GLY A 257 -14.97 28.72 41.00
C GLY A 257 -15.55 27.31 40.82
N ILE A 258 -16.22 27.12 39.69
CA ILE A 258 -16.82 25.85 39.40
C ILE A 258 -15.83 25.01 38.62
N ASN A 259 -15.19 24.09 39.35
CA ASN A 259 -14.24 23.20 38.73
C ASN A 259 -14.98 22.28 37.77
N PHE A 260 -15.34 22.81 36.58
CA PHE A 260 -15.98 22.00 35.57
C PHE A 260 -15.16 21.80 34.29
N LEU A 261 -14.67 20.57 34.06
CA LEU A 261 -14.18 20.14 32.76
C LEU A 261 -12.85 20.81 32.37
N GLY A 262 -11.89 20.85 33.28
CA GLY A 262 -10.60 21.45 32.96
C GLY A 262 -10.64 22.99 32.96
N TYR A 263 -11.73 23.56 33.49
CA TYR A 263 -11.81 25.00 33.66
C TYR A 263 -12.44 25.34 35.00
N ARG A 264 -11.71 26.12 35.82
CA ARG A 264 -12.36 26.77 36.95
C ARG A 264 -13.17 27.95 36.45
N ILE A 265 -14.49 27.95 36.66
CA ILE A 265 -15.37 28.84 35.90
C ILE A 265 -16.11 29.77 36.85
N TRP A 266 -15.64 31.02 36.84
CA TRP A 266 -16.36 32.07 37.53
C TRP A 266 -17.42 32.62 36.58
N PRO A 267 -18.30 33.53 37.02
CA PRO A 267 -19.25 34.10 36.11
C PRO A 267 -18.58 35.00 35.07
N THR A 268 -17.48 35.66 35.51
CA THR A 268 -16.78 36.68 34.74
C THR A 268 -15.60 36.09 33.99
N HIS A 269 -14.70 35.42 34.69
CA HIS A 269 -13.54 34.85 34.03
C HIS A 269 -13.65 33.34 34.02
N LYS A 270 -12.58 32.65 33.60
CA LYS A 270 -12.64 31.20 33.49
C LYS A 270 -11.23 30.65 33.18
N LEU A 271 -10.53 30.22 34.21
CA LEU A 271 -9.18 29.71 34.06
C LEU A 271 -9.21 28.26 33.63
N LEU A 272 -8.03 27.59 33.80
CA LEU A 272 -7.88 26.18 33.51
C LEU A 272 -7.63 25.48 34.80
N ARG A 273 -7.55 24.14 34.72
CA ARG A 273 -7.19 23.34 35.90
C ARG A 273 -5.68 23.34 36.04
N LYS A 274 -5.20 23.43 37.28
CA LYS A 274 -3.76 23.47 37.50
C LYS A 274 -3.11 22.19 36.99
N SER A 275 -3.82 21.06 37.08
CA SER A 275 -3.30 19.77 36.64
C SER A 275 -2.99 19.79 35.15
N SER A 276 -3.94 20.26 34.33
CA SER A 276 -3.71 20.41 32.90
C SER A 276 -2.51 21.33 32.64
N VAL A 277 -2.43 22.43 33.39
CA VAL A 277 -1.33 23.36 33.24
C VAL A 277 -0.03 22.61 33.49
N LYS A 278 0.09 21.99 34.67
CA LYS A 278 1.32 21.34 35.07
C LYS A 278 1.63 20.14 34.19
N ARG A 279 0.60 19.41 33.74
CA ARG A 279 0.82 18.27 32.86
C ARG A 279 1.46 18.76 31.55
N ALA A 280 0.88 19.83 30.96
CA ALA A 280 1.40 20.39 29.73
C ALA A 280 2.80 20.97 29.96
N LYS A 281 2.98 21.69 31.07
CA LYS A 281 4.28 22.23 31.44
C LYS A 281 5.34 21.14 31.45
N ARG A 282 5.11 20.08 32.22
CA ARG A 282 6.05 18.97 32.33
C ARG A 282 6.19 18.23 31.01
N LYS A 283 5.09 18.14 30.25
CA LYS A 283 5.13 17.46 28.97
C LYS A 283 6.07 18.21 28.00
N VAL A 284 5.94 19.54 27.95
CA VAL A 284 6.83 20.35 27.14
C VAL A 284 8.26 20.26 27.69
N ALA A 285 8.41 20.43 29.01
CA ALA A 285 9.70 20.36 29.66
C ALA A 285 10.42 19.06 29.28
N ASN A 286 9.70 17.94 29.36
CA ASN A 286 10.27 16.65 28.98
C ASN A 286 10.63 16.64 27.50
N PHE A 287 9.70 17.10 26.66
CA PHE A 287 9.92 17.15 25.22
C PHE A 287 11.18 17.94 24.87
N ILE A 288 11.41 19.06 25.56
CA ILE A 288 12.61 19.86 25.33
C ILE A 288 13.85 19.04 25.69
N LYS A 289 13.90 18.54 26.94
CA LYS A 289 15.02 17.77 27.42
C LYS A 289 14.92 16.30 27.02
N HIS A 290 14.15 16.01 25.95
CA HIS A 290 14.22 14.71 25.29
C HIS A 290 14.69 14.88 23.84
N GLY A 291 14.33 16.00 23.21
CA GLY A 291 14.87 16.34 21.90
C GLY A 291 13.80 16.49 20.81
N GLU A 292 12.70 17.19 21.13
CA GLU A 292 11.68 17.49 20.13
C GLU A 292 11.19 18.92 20.34
N ASP A 293 11.49 19.80 19.35
CA ASP A 293 11.09 21.20 19.38
C ASP A 293 10.37 21.58 18.08
N GLU A 294 9.94 20.57 17.29
CA GLU A 294 9.21 20.84 16.06
C GLU A 294 7.80 20.25 16.15
N SER A 295 7.67 19.11 16.84
CA SER A 295 6.36 18.59 17.21
C SER A 295 5.77 19.38 18.37
N LEU A 296 6.63 20.08 19.13
CA LEU A 296 6.18 20.96 20.20
C LEU A 296 5.33 22.09 19.62
N GLN A 297 5.70 22.60 18.44
CA GLN A 297 4.93 23.65 17.79
C GLN A 297 3.54 23.14 17.43
N ARG A 298 3.44 21.86 17.04
CA ARG A 298 2.13 21.26 16.76
C ARG A 298 1.32 21.17 18.05
N PHE A 299 1.95 20.72 19.13
CA PHE A 299 1.31 20.64 20.43
C PHE A 299 0.96 22.03 20.95
N LEU A 300 1.88 22.99 20.81
CA LEU A 300 1.65 24.32 21.32
C LEU A 300 0.44 24.94 20.60
N ALA A 301 0.37 24.77 19.28
CA ALA A 301 -0.78 25.25 18.52
C ALA A 301 -2.06 24.55 18.98
N SER A 302 -1.95 23.25 19.30
CA SER A 302 -3.07 22.50 19.85
C SER A 302 -3.51 23.07 21.20
N TRP A 303 -2.56 23.15 22.14
CA TRP A 303 -2.86 23.59 23.50
C TRP A 303 -3.17 25.09 23.54
N SER A 304 -2.74 25.85 22.53
CA SER A 304 -3.14 27.24 22.40
C SER A 304 -4.62 27.36 22.06
N GLY A 305 -5.23 26.27 21.57
CA GLY A 305 -6.66 26.22 21.30
C GLY A 305 -7.46 25.88 22.55
N HIS A 306 -6.96 24.90 23.33
CA HIS A 306 -7.55 24.56 24.61
C HIS A 306 -7.44 25.72 25.61
N ALA A 307 -6.41 26.57 25.43
CA ALA A 307 -6.15 27.65 26.37
C ALA A 307 -6.58 29.01 25.83
N GLN A 308 -7.01 29.10 24.56
CA GLN A 308 -7.49 30.37 24.03
C GLN A 308 -8.76 30.80 24.76
N TRP A 309 -9.50 29.82 25.29
CA TRP A 309 -10.70 30.11 26.06
C TRP A 309 -10.33 30.60 27.45
N ALA A 310 -9.48 29.83 28.13
CA ALA A 310 -9.07 30.14 29.48
C ALA A 310 -8.23 31.42 29.48
N ASP A 311 -8.23 32.13 30.60
CA ASP A 311 -7.42 33.35 30.71
C ASP A 311 -6.03 32.96 31.22
N THR A 312 -5.32 32.19 30.38
CA THR A 312 -4.04 31.58 30.73
C THR A 312 -2.99 32.66 30.94
N HIS A 313 -1.95 32.65 30.11
CA HIS A 313 -0.79 33.53 30.28
C HIS A 313 -0.09 33.23 31.60
N ASN A 314 -0.58 32.21 32.32
CA ASN A 314 0.06 31.71 33.53
C ASN A 314 0.86 30.44 33.21
N LEU A 315 1.10 30.19 31.92
CA LEU A 315 1.98 29.14 31.44
C LEU A 315 2.90 29.69 30.36
N PHE A 316 2.35 30.43 29.41
CA PHE A 316 3.13 30.90 28.27
C PHE A 316 4.24 31.83 28.70
N THR A 317 4.00 32.66 29.72
CA THR A 317 5.06 33.44 30.33
C THR A 317 6.06 32.50 31.01
N TRP A 318 5.53 31.53 31.76
CA TRP A 318 6.35 30.57 32.47
C TRP A 318 7.27 29.82 31.50
N MET A 319 6.70 29.33 30.40
CA MET A 319 7.49 28.60 29.38
C MET A 319 8.55 29.53 28.81
N GLU A 320 8.16 30.76 28.49
CA GLU A 320 9.09 31.72 27.90
C GLU A 320 10.18 32.11 28.89
N GLU A 321 9.92 31.98 30.20
CA GLU A 321 10.92 32.28 31.21
C GLU A 321 11.84 31.08 31.46
N GLN A 322 11.37 29.87 31.16
CA GLN A 322 12.18 28.68 31.40
C GLN A 322 13.12 28.40 30.22
N TYR A 323 12.70 28.73 28.99
CA TYR A 323 13.47 28.36 27.81
C TYR A 323 13.67 29.51 26.82
N GLY A 324 12.86 30.58 26.93
CA GLY A 324 13.05 31.75 26.07
C GLY A 324 12.31 31.64 24.73
N ILE A 325 11.90 30.42 24.36
CA ILE A 325 11.26 30.18 23.07
C ILE A 325 9.98 31.00 22.96
N ALA A 326 9.75 31.56 21.77
CA ALA A 326 8.59 32.41 21.52
C ALA A 326 7.33 31.54 21.46
N CYS A 327 6.57 31.53 22.57
CA CYS A 327 5.34 30.74 22.62
C CYS A 327 4.26 31.36 21.72
N HIS A 328 3.84 32.59 22.07
CA HIS A 328 2.79 33.29 21.34
C HIS A 328 3.41 34.47 20.60
N MET B 1 -15.87 -13.25 14.44
CA MET B 1 -15.77 -13.30 12.96
C MET B 1 -14.31 -13.51 12.56
N GLU B 2 -13.38 -13.21 13.48
CA GLU B 2 -11.95 -13.27 13.24
C GLU B 2 -11.59 -12.82 11.82
N PRO B 3 -11.35 -11.50 11.61
CA PRO B 3 -10.97 -11.00 10.30
C PRO B 3 -10.02 -11.92 9.55
N ILE B 4 -10.22 -12.06 8.23
CA ILE B 4 -9.42 -12.94 7.40
C ILE B 4 -7.94 -12.66 7.64
N GLU B 5 -7.26 -13.70 8.09
CA GLU B 5 -5.86 -13.55 8.48
C GLU B 5 -4.97 -14.11 7.37
N GLU B 6 -4.25 -13.20 6.70
CA GLU B 6 -3.18 -13.58 5.81
C GLU B 6 -2.08 -14.30 6.60
N ALA B 7 -1.30 -15.10 5.89
CA ALA B 7 -0.09 -15.68 6.47
C ALA B 7 1.00 -14.62 6.52
N THR B 8 1.97 -14.86 7.41
CA THR B 8 3.07 -13.93 7.64
C THR B 8 2.50 -12.53 7.87
N LYS B 9 1.96 -12.32 9.07
CA LYS B 9 1.40 -11.03 9.42
C LYS B 9 2.49 -10.14 10.02
N CYS B 10 3.02 -9.21 9.20
CA CYS B 10 4.07 -8.31 9.64
C CYS B 10 3.48 -6.91 9.81
N TYR B 11 3.54 -6.37 11.03
CA TYR B 11 2.98 -5.05 11.30
C TYR B 11 3.72 -3.98 10.54
N ASP B 12 5.04 -4.12 10.41
CA ASP B 12 5.83 -3.13 9.70
C ASP B 12 5.45 -3.08 8.23
N GLN B 13 5.20 -4.22 7.60
CA GLN B 13 4.80 -4.21 6.20
C GLN B 13 3.38 -3.70 6.08
N MET B 14 2.51 -3.99 7.06
CA MET B 14 1.15 -3.50 7.01
C MET B 14 1.13 -1.98 7.24
N LEU B 15 1.95 -1.52 8.18
CA LEU B 15 1.96 -0.11 8.52
C LEU B 15 2.63 0.66 7.39
N ILE B 16 3.70 0.11 6.81
CA ILE B 16 4.48 0.84 5.82
C ILE B 16 3.69 0.95 4.53
N VAL B 17 2.85 -0.05 4.24
CA VAL B 17 2.04 -0.01 3.05
C VAL B 17 0.90 0.98 3.27
N GLU B 18 0.23 0.92 4.42
CA GLU B 18 -0.85 1.84 4.72
C GLU B 18 -0.33 3.28 4.65
N ARG B 19 0.91 3.48 5.07
CA ARG B 19 1.47 4.86 5.10
C ARG B 19 2.03 5.17 3.70
N TYR B 20 2.43 4.15 2.94
CA TYR B 20 2.87 4.42 1.58
C TYR B 20 1.68 4.55 0.64
N GLU B 21 0.54 3.97 0.98
CA GLU B 21 -0.66 4.17 0.20
C GLU B 21 -1.03 5.65 0.23
N ARG B 22 -0.65 6.39 1.29
CA ARG B 22 -0.88 7.81 1.35
C ARG B 22 0.03 8.57 0.38
N VAL B 23 1.24 8.04 0.18
CA VAL B 23 2.15 8.59 -0.80
C VAL B 23 1.55 8.40 -2.19
N ILE B 24 1.04 7.20 -2.46
CA ILE B 24 0.42 6.91 -3.74
C ILE B 24 -0.81 7.80 -3.89
N SER B 25 -1.67 7.80 -2.88
CA SER B 25 -2.89 8.58 -2.93
C SER B 25 -2.61 10.05 -3.24
N TYR B 26 -1.40 10.53 -2.92
CA TYR B 26 -1.02 11.90 -3.21
C TYR B 26 -0.31 12.01 -4.55
N LEU B 27 0.62 11.08 -4.82
CA LEU B 27 1.46 11.20 -5.99
C LEU B 27 0.77 10.70 -7.26
N TYR B 28 -0.16 9.74 -7.12
CA TYR B 28 -0.73 9.14 -8.31
C TYR B 28 -1.58 10.15 -9.05
N PRO B 29 -2.39 10.99 -8.40
CA PRO B 29 -3.15 11.97 -9.17
C PRO B 29 -2.25 12.94 -9.93
N ILE B 30 -1.13 13.35 -9.33
CA ILE B 30 -0.22 14.25 -10.01
C ILE B 30 0.74 13.48 -10.89
N ALA B 31 0.84 12.16 -10.76
CA ALA B 31 1.53 11.37 -11.79
C ALA B 31 0.68 11.28 -13.03
N GLN B 32 -0.66 11.17 -12.86
CA GLN B 32 -1.59 11.10 -13.98
C GLN B 32 -1.74 12.45 -14.65
N SER B 33 -1.34 13.55 -13.98
CA SER B 33 -1.48 14.88 -14.55
C SER B 33 -0.35 15.21 -15.52
N ILE B 34 0.75 14.45 -15.44
CA ILE B 34 1.89 14.63 -16.34
C ILE B 34 1.37 14.47 -17.76
N PRO B 35 1.63 15.42 -18.67
CA PRO B 35 0.88 15.48 -19.94
C PRO B 35 1.07 14.27 -20.83
N ARG B 36 0.60 14.37 -22.08
CA ARG B 36 0.76 13.29 -23.05
C ARG B 36 2.27 12.98 -23.21
N LYS B 37 3.01 13.98 -23.73
CA LYS B 37 4.47 13.87 -23.68
C LYS B 37 4.85 13.79 -22.24
N HIS B 38 6.03 13.22 -21.98
CA HIS B 38 6.45 12.82 -20.65
C HIS B 38 5.63 11.63 -20.19
N GLY B 39 5.18 10.80 -21.12
CA GLY B 39 4.37 9.66 -20.77
C GLY B 39 5.26 8.49 -20.39
N VAL B 40 6.42 8.33 -21.05
CA VAL B 40 7.36 7.32 -20.62
C VAL B 40 7.89 7.64 -19.22
N ALA B 41 8.18 8.91 -18.96
CA ALA B 41 8.61 9.31 -17.64
C ALA B 41 7.49 9.04 -16.64
N ARG B 42 6.24 9.25 -17.03
CA ARG B 42 5.12 8.96 -16.16
C ARG B 42 5.01 7.46 -15.93
N GLU B 43 5.05 6.66 -16.99
CA GLU B 43 4.96 5.21 -16.88
C GLU B 43 6.05 4.72 -15.94
N MET B 44 7.26 5.29 -16.05
CA MET B 44 8.36 4.86 -15.21
C MET B 44 8.18 5.37 -13.77
N PHE B 45 7.68 6.58 -13.62
CA PHE B 45 7.35 7.09 -12.30
C PHE B 45 6.24 6.24 -11.66
N LEU B 46 5.22 5.89 -12.44
CA LEU B 46 4.10 5.14 -11.91
C LEU B 46 4.55 3.73 -11.54
N LYS B 47 5.48 3.16 -12.30
CA LYS B 47 5.97 1.84 -11.98
C LYS B 47 6.87 1.90 -10.76
N CYS B 48 7.43 3.08 -10.47
CA CYS B 48 8.23 3.26 -9.26
C CYS B 48 7.32 3.56 -8.08
N LEU B 49 6.28 4.34 -8.30
CA LEU B 49 5.33 4.67 -7.25
C LEU B 49 4.47 3.46 -6.92
N LEU B 50 3.74 2.93 -7.89
CA LEU B 50 2.88 1.79 -7.65
C LEU B 50 3.69 0.53 -7.40
N GLY B 51 4.91 0.44 -7.93
CA GLY B 51 5.69 -0.78 -7.77
C GLY B 51 6.41 -0.86 -6.44
N GLN B 52 6.43 0.25 -5.70
CA GLN B 52 7.07 0.23 -4.40
C GLN B 52 6.25 -0.59 -3.42
N VAL B 53 4.93 -0.66 -3.61
CA VAL B 53 4.09 -1.44 -2.72
C VAL B 53 4.57 -2.91 -2.72
N GLU B 54 4.83 -3.42 -3.91
CA GLU B 54 5.24 -4.79 -4.05
C GLU B 54 6.59 -4.99 -3.33
N LEU B 55 7.45 -3.96 -3.38
CA LEU B 55 8.74 -4.04 -2.71
C LEU B 55 8.51 -4.18 -1.22
N PHE B 56 7.60 -3.37 -0.67
CA PHE B 56 7.31 -3.45 0.74
C PHE B 56 6.65 -4.78 1.08
N ILE B 57 5.69 -5.20 0.27
CA ILE B 57 4.92 -6.39 0.61
C ILE B 57 5.79 -7.64 0.54
N VAL B 58 6.65 -7.73 -0.49
CA VAL B 58 7.55 -8.88 -0.58
C VAL B 58 8.57 -8.85 0.55
N ALA B 59 8.93 -7.65 1.01
CA ALA B 59 9.83 -7.51 2.15
C ALA B 59 9.20 -8.01 3.42
N GLY B 60 7.88 -7.80 3.57
CA GLY B 60 7.15 -8.25 4.74
C GLY B 60 7.07 -9.78 4.81
N LYS B 61 6.79 -10.38 3.67
CA LYS B 61 6.57 -11.81 3.60
C LYS B 61 7.91 -12.51 3.37
N SER B 62 8.96 -12.00 4.01
CA SER B 62 10.31 -12.53 3.81
C SER B 62 11.11 -12.41 5.10
N ASN B 63 11.98 -13.39 5.33
CA ASN B 63 12.96 -13.32 6.40
C ASN B 63 14.33 -12.85 5.89
N GLN B 64 14.31 -12.11 4.79
CA GLN B 64 15.53 -11.62 4.17
C GLN B 64 15.59 -10.09 4.29
N VAL B 65 16.66 -9.57 4.91
CA VAL B 65 16.84 -8.13 5.01
C VAL B 65 17.17 -7.52 3.65
N SER B 66 17.54 -8.37 2.68
CA SER B 66 17.86 -7.90 1.35
C SER B 66 16.65 -7.24 0.71
N LYS B 67 15.46 -7.77 0.98
CA LYS B 67 14.24 -7.22 0.44
C LYS B 67 13.96 -5.85 1.05
N LEU B 68 14.43 -5.66 2.29
CA LEU B 68 14.18 -4.41 2.98
C LEU B 68 15.04 -3.28 2.45
N TYR B 69 16.28 -3.59 2.02
CA TYR B 69 17.11 -2.55 1.45
C TYR B 69 16.65 -2.22 0.03
N ALA B 70 16.09 -3.21 -0.68
CA ALA B 70 15.54 -2.96 -2.00
C ALA B 70 14.33 -2.04 -1.90
N ALA B 71 13.57 -2.16 -0.80
CA ALA B 71 12.47 -1.22 -0.55
C ALA B 71 13.01 0.17 -0.26
N ASP B 72 14.19 0.24 0.38
CA ASP B 72 14.80 1.52 0.68
C ASP B 72 15.32 2.16 -0.60
N ALA B 73 15.88 1.33 -1.49
CA ALA B 73 16.38 1.85 -2.75
C ALA B 73 15.21 2.38 -3.59
N GLY B 74 14.08 1.71 -3.55
CA GLY B 74 12.95 2.19 -4.29
C GLY B 74 12.43 3.50 -3.72
N LEU B 75 12.44 3.63 -2.40
CA LEU B 75 11.98 4.86 -1.79
C LEU B 75 12.94 5.98 -2.16
N ALA B 76 14.24 5.67 -2.22
CA ALA B 76 15.24 6.62 -2.70
C ALA B 76 15.00 6.99 -4.15
N MET B 77 14.61 6.00 -4.94
CA MET B 77 14.33 6.24 -6.34
C MET B 77 13.07 7.09 -6.49
N LEU B 78 12.08 6.88 -5.59
CA LEU B 78 10.88 7.69 -5.63
C LEU B 78 11.22 9.15 -5.30
N ARG B 79 12.22 9.35 -4.43
CA ARG B 79 12.58 10.71 -4.05
C ARG B 79 13.24 11.39 -5.24
N PHE B 80 14.02 10.63 -6.05
CA PHE B 80 14.57 11.19 -7.28
C PHE B 80 13.45 11.62 -8.24
N TRP B 81 12.45 10.77 -8.37
CA TRP B 81 11.36 11.06 -9.29
C TRP B 81 10.68 12.38 -8.88
N LEU B 82 10.59 12.68 -7.59
CA LEU B 82 10.06 13.99 -7.22
C LEU B 82 10.98 15.09 -7.74
N ARG B 83 12.29 14.91 -7.61
CA ARG B 83 13.25 15.84 -8.16
C ARG B 83 13.11 15.93 -9.67
N PHE B 84 12.82 14.81 -10.33
CA PHE B 84 12.71 14.79 -11.78
C PHE B 84 11.44 15.47 -12.22
N LEU B 85 10.30 15.07 -11.62
CA LEU B 85 9.02 15.67 -11.98
C LEU B 85 9.03 17.19 -11.73
N ALA B 86 9.74 17.65 -10.70
CA ALA B 86 9.78 19.07 -10.45
C ALA B 86 10.85 19.77 -11.32
N GLY B 87 12.08 19.25 -11.24
CA GLY B 87 13.27 19.96 -11.66
C GLY B 87 13.88 19.47 -12.98
N ILE B 88 13.25 18.52 -13.67
CA ILE B 88 13.71 18.10 -14.98
C ILE B 88 12.54 18.10 -15.96
N GLN B 89 11.31 17.78 -15.52
CA GLN B 89 10.18 17.82 -16.42
C GLN B 89 9.90 19.24 -16.91
N LYS B 90 9.36 19.33 -18.12
CA LYS B 90 9.30 20.63 -18.78
C LYS B 90 8.17 21.51 -18.25
N PRO B 91 6.87 21.18 -18.34
CA PRO B 91 5.84 22.12 -17.94
C PRO B 91 6.00 22.43 -16.45
N HIS B 92 5.81 21.41 -15.61
CA HIS B 92 6.08 21.56 -14.19
C HIS B 92 5.92 20.24 -13.49
N ALA B 93 4.93 19.45 -13.90
CA ALA B 93 4.58 18.18 -13.29
C ALA B 93 4.22 18.27 -11.80
N MET B 94 5.21 18.58 -10.95
CA MET B 94 4.97 18.67 -9.52
C MET B 94 5.41 20.03 -8.98
N THR B 95 4.44 20.83 -8.50
CA THR B 95 4.73 22.14 -7.94
C THR B 95 5.54 21.96 -6.68
N PRO B 96 6.37 22.95 -6.28
CA PRO B 96 7.20 22.77 -5.09
C PRO B 96 6.39 22.53 -3.82
N HIS B 97 5.13 22.99 -3.77
CA HIS B 97 4.28 22.65 -2.63
C HIS B 97 4.04 21.15 -2.63
N GLN B 98 3.73 20.60 -3.80
CA GLN B 98 3.43 19.18 -3.91
C GLN B 98 4.68 18.34 -3.60
N VAL B 99 5.85 18.85 -4.00
CA VAL B 99 7.09 18.15 -3.73
C VAL B 99 7.35 18.12 -2.23
N GLU B 100 7.17 19.26 -1.57
CA GLU B 100 7.35 19.36 -0.13
C GLU B 100 6.36 18.47 0.60
N THR B 101 5.12 18.38 0.09
CA THR B 101 4.08 17.58 0.72
C THR B 101 4.38 16.10 0.56
N ALA B 102 4.80 15.71 -0.63
CA ALA B 102 5.16 14.31 -0.89
C ALA B 102 6.40 13.94 -0.11
N GLN B 103 7.38 14.83 -0.05
CA GLN B 103 8.59 14.54 0.68
C GLN B 103 8.31 14.30 2.16
N VAL B 104 7.21 14.87 2.67
CA VAL B 104 6.80 14.59 4.05
C VAL B 104 6.21 13.20 4.15
N LEU B 105 5.36 12.84 3.19
CA LEU B 105 4.71 11.53 3.19
C LEU B 105 5.74 10.44 2.98
N ILE B 106 6.70 10.67 2.07
CA ILE B 106 7.72 9.69 1.81
C ILE B 106 8.63 9.58 3.02
N ALA B 107 8.83 10.68 3.75
CA ALA B 107 9.66 10.64 4.93
C ALA B 107 9.01 9.78 6.01
N GLU B 108 7.66 9.82 6.11
CA GLU B 108 6.93 8.98 7.05
C GLU B 108 7.14 7.50 6.72
N VAL B 109 7.09 7.17 5.43
CA VAL B 109 7.34 5.80 4.99
C VAL B 109 8.81 5.47 5.15
N GLY B 110 9.67 6.48 5.06
CA GLY B 110 11.10 6.26 5.27
C GLY B 110 11.40 5.99 6.74
N ARG B 111 10.67 6.69 7.63
CA ARG B 111 10.87 6.52 9.06
C ARG B 111 10.46 5.12 9.48
N ILE B 112 9.37 4.61 8.89
CA ILE B 112 8.88 3.28 9.22
C ILE B 112 9.84 2.25 8.64
N LEU B 113 10.39 2.53 7.45
CA LEU B 113 11.28 1.58 6.80
C LEU B 113 12.59 1.49 7.58
N GLY B 114 13.06 2.64 8.07
CA GLY B 114 14.31 2.67 8.81
C GLY B 114 14.22 1.87 10.10
N SER B 115 13.09 2.03 10.80
CA SER B 115 12.83 1.28 12.02
C SER B 115 12.67 -0.20 11.68
N TRP B 116 12.03 -0.49 10.55
CA TRP B 116 11.82 -1.86 10.11
C TRP B 116 13.16 -2.52 9.82
N ILE B 117 14.04 -1.80 9.14
CA ILE B 117 15.35 -2.35 8.82
C ILE B 117 16.13 -2.57 10.11
N ALA B 118 16.00 -1.62 11.04
CA ALA B 118 16.75 -1.72 12.30
C ALA B 118 16.24 -2.90 13.12
N ARG B 119 14.92 -3.08 13.15
CA ARG B 119 14.34 -4.14 13.96
C ARG B 119 14.78 -5.50 13.45
N VAL B 120 14.92 -5.63 12.12
CA VAL B 120 15.28 -6.91 11.55
C VAL B 120 16.77 -7.13 11.68
N ASN B 121 17.56 -6.07 11.51
CA ASN B 121 19.01 -6.19 11.60
C ASN B 121 19.46 -6.68 12.98
N ARG B 122 18.79 -6.21 14.03
CA ARG B 122 19.10 -6.64 15.38
C ARG B 122 18.89 -8.16 15.50
N CYS C 10 1.01 -31.80 -3.96
CA CYS C 10 0.62 -31.15 -5.25
C CYS C 10 -0.89 -30.99 -5.32
N TYR C 11 -1.62 -31.61 -4.38
CA TYR C 11 -3.06 -31.37 -4.24
C TYR C 11 -3.32 -29.91 -3.91
N ASP C 12 -2.52 -29.32 -3.03
CA ASP C 12 -2.72 -27.93 -2.65
C ASP C 12 -2.36 -26.97 -3.76
N GLN C 13 -1.33 -27.29 -4.56
CA GLN C 13 -0.93 -26.41 -5.65
C GLN C 13 -1.99 -26.40 -6.75
N MET C 14 -2.49 -27.57 -7.12
CA MET C 14 -3.56 -27.66 -8.09
C MET C 14 -4.84 -27.05 -7.54
N LEU C 15 -5.10 -27.25 -6.25
CA LEU C 15 -6.29 -26.69 -5.64
C LEU C 15 -6.16 -25.16 -5.54
N ILE C 16 -4.95 -24.68 -5.18
CA ILE C 16 -4.76 -23.25 -4.95
C ILE C 16 -4.88 -22.50 -6.28
N VAL C 17 -4.43 -23.11 -7.36
CA VAL C 17 -4.51 -22.47 -8.66
C VAL C 17 -5.96 -22.44 -9.11
N GLU C 18 -6.63 -23.60 -9.06
CA GLU C 18 -8.02 -23.69 -9.45
C GLU C 18 -8.84 -22.68 -8.66
N ARG C 19 -8.55 -22.52 -7.36
CA ARG C 19 -9.25 -21.51 -6.57
C ARG C 19 -8.85 -20.09 -6.97
N TYR C 20 -7.60 -19.93 -7.41
CA TYR C 20 -7.14 -18.63 -7.85
C TYR C 20 -7.68 -18.29 -9.25
N GLU C 21 -7.95 -19.33 -10.05
CA GLU C 21 -8.50 -19.11 -11.37
C GLU C 21 -9.83 -18.37 -11.22
N ARG C 22 -10.56 -18.56 -10.10
CA ARG C 22 -11.82 -17.85 -9.92
C ARG C 22 -11.61 -16.36 -9.66
N VAL C 23 -10.48 -16.05 -8.98
CA VAL C 23 -10.09 -14.67 -8.78
C VAL C 23 -9.79 -14.05 -10.13
N ILE C 24 -9.03 -14.77 -10.98
CA ILE C 24 -8.69 -14.26 -12.30
C ILE C 24 -9.96 -14.12 -13.10
N SER C 25 -10.77 -15.18 -13.11
CA SER C 25 -12.01 -15.19 -13.87
C SER C 25 -12.86 -13.98 -13.53
N TYR C 26 -12.75 -13.47 -12.30
CA TYR C 26 -13.54 -12.31 -11.88
C TYR C 26 -12.77 -11.01 -12.11
N LEU C 27 -11.47 -11.02 -11.78
CA LEU C 27 -10.72 -9.78 -11.79
C LEU C 27 -10.21 -9.44 -13.19
N TYR C 28 -10.02 -10.43 -14.09
CA TYR C 28 -9.47 -10.08 -15.39
C TYR C 28 -10.45 -9.21 -16.15
N PRO C 29 -11.76 -9.53 -16.18
CA PRO C 29 -12.70 -8.62 -16.79
C PRO C 29 -12.69 -7.24 -16.18
N ILE C 30 -12.49 -7.16 -14.86
CA ILE C 30 -12.37 -5.86 -14.21
C ILE C 30 -11.08 -5.20 -14.67
N ALA C 31 -9.99 -5.98 -14.73
CA ALA C 31 -8.70 -5.46 -15.08
C ALA C 31 -8.65 -4.98 -16.52
N GLN C 32 -9.41 -5.63 -17.39
CA GLN C 32 -9.43 -5.24 -18.80
C GLN C 32 -10.30 -3.99 -18.98
N SER C 33 -11.19 -3.69 -18.03
CA SER C 33 -12.10 -2.57 -18.19
C SER C 33 -11.46 -1.27 -17.72
N ILE C 34 -10.38 -1.36 -16.93
CA ILE C 34 -9.72 -0.18 -16.40
C ILE C 34 -9.33 0.69 -17.58
N PRO C 35 -9.70 1.99 -17.61
CA PRO C 35 -9.39 2.83 -18.76
C PRO C 35 -7.89 2.98 -19.01
N ARG C 36 -7.54 3.19 -20.27
CA ARG C 36 -6.11 3.30 -20.63
C ARG C 36 -5.50 4.41 -19.77
N LYS C 37 -6.28 5.39 -19.36
CA LYS C 37 -5.70 6.40 -18.45
C LYS C 37 -4.98 5.63 -17.37
N HIS C 38 -5.72 4.91 -16.54
CA HIS C 38 -5.08 4.07 -15.51
C HIS C 38 -4.44 2.90 -16.24
N GLY C 39 -3.58 3.20 -17.21
CA GLY C 39 -3.02 2.14 -18.02
C GLY C 39 -1.90 1.40 -17.32
N VAL C 40 -1.00 2.16 -16.71
CA VAL C 40 0.09 1.55 -15.98
C VAL C 40 -0.44 0.77 -14.79
N ALA C 41 -1.41 1.36 -14.07
CA ALA C 41 -2.01 0.66 -12.95
C ALA C 41 -2.68 -0.62 -13.44
N ARG C 42 -3.31 -0.56 -14.61
CA ARG C 42 -3.96 -1.73 -15.17
C ARG C 42 -2.92 -2.81 -15.54
N GLU C 43 -1.88 -2.42 -16.28
CA GLU C 43 -0.90 -3.38 -16.74
C GLU C 43 -0.20 -3.99 -15.55
N MET C 44 0.00 -3.22 -14.49
CA MET C 44 0.64 -3.75 -13.28
C MET C 44 -0.33 -4.64 -12.54
N PHE C 45 -1.62 -4.27 -12.49
CA PHE C 45 -2.63 -5.12 -11.88
C PHE C 45 -2.81 -6.42 -12.66
N LEU C 46 -2.75 -6.36 -13.99
CA LEU C 46 -2.87 -7.57 -14.78
C LEU C 46 -1.66 -8.47 -14.55
N LYS C 47 -0.47 -7.86 -14.46
CA LYS C 47 0.74 -8.65 -14.24
C LYS C 47 0.74 -9.21 -12.84
N CYS C 48 0.00 -8.57 -11.93
CA CYS C 48 -0.10 -9.05 -10.57
C CYS C 48 -1.16 -10.14 -10.46
N LEU C 49 -2.26 -9.96 -11.20
CA LEU C 49 -3.30 -10.96 -11.19
C LEU C 49 -2.83 -12.20 -11.95
N LEU C 50 -2.47 -12.06 -13.23
CA LEU C 50 -2.06 -13.24 -13.99
C LEU C 50 -0.73 -13.76 -13.51
N GLY C 51 0.11 -12.90 -12.95
CA GLY C 51 1.43 -13.33 -12.54
C GLY C 51 1.44 -14.07 -11.20
N GLN C 52 0.32 -14.05 -10.47
CA GLN C 52 0.25 -14.77 -9.22
C GLN C 52 0.26 -16.28 -9.47
N VAL C 53 -0.22 -16.69 -10.64
CA VAL C 53 -0.23 -18.10 -11.00
C VAL C 53 1.19 -18.64 -10.96
N GLU C 54 2.13 -17.89 -11.51
CA GLU C 54 3.52 -18.32 -11.52
C GLU C 54 4.04 -18.42 -10.08
N LEU C 55 3.59 -17.54 -9.19
CA LEU C 55 3.97 -17.63 -7.79
C LEU C 55 3.46 -18.93 -7.18
N PHE C 56 2.23 -19.31 -7.50
CA PHE C 56 1.71 -20.60 -7.04
C PHE C 56 2.45 -21.75 -7.71
N ILE C 57 2.70 -21.65 -9.01
CA ILE C 57 3.38 -22.70 -9.73
C ILE C 57 4.77 -22.95 -9.16
N VAL C 58 5.53 -21.87 -8.94
CA VAL C 58 6.87 -22.01 -8.41
C VAL C 58 6.82 -22.57 -6.98
N ALA C 59 5.76 -22.23 -6.25
CA ALA C 59 5.57 -22.72 -4.89
C ALA C 59 5.34 -24.24 -4.89
N GLY C 60 4.58 -24.71 -5.87
CA GLY C 60 4.33 -26.13 -5.98
C GLY C 60 5.51 -26.87 -6.59
N LYS C 61 6.21 -26.21 -7.49
CA LYS C 61 7.36 -26.79 -8.15
C LYS C 61 8.48 -27.08 -7.15
N SER C 62 8.42 -26.41 -5.98
CA SER C 62 9.41 -26.60 -4.92
C SER C 62 8.70 -27.02 -3.63
N ASN C 63 9.44 -26.96 -2.53
CA ASN C 63 8.88 -27.20 -1.21
C ASN C 63 9.18 -26.07 -0.23
N GLN C 64 9.92 -25.04 -0.66
CA GLN C 64 10.34 -23.98 0.23
C GLN C 64 9.12 -23.17 0.67
N VAL C 65 8.95 -23.01 1.99
CA VAL C 65 7.85 -22.22 2.53
C VAL C 65 8.02 -20.74 2.17
N SER C 66 9.24 -20.34 1.79
CA SER C 66 9.47 -18.98 1.34
C SER C 66 8.74 -18.75 0.03
N LYS C 67 8.58 -19.80 -0.79
CA LYS C 67 7.89 -19.66 -2.05
C LYS C 67 6.38 -19.52 -1.82
N LEU C 68 5.87 -20.16 -0.76
CA LEU C 68 4.47 -20.01 -0.41
C LEU C 68 4.26 -18.66 0.27
N TYR C 69 5.29 -18.08 0.89
CA TYR C 69 5.18 -16.74 1.44
C TYR C 69 5.21 -15.70 0.33
N ALA C 70 6.00 -15.91 -0.72
CA ALA C 70 5.98 -15.03 -1.86
C ALA C 70 4.65 -15.11 -2.58
N ALA C 71 3.98 -16.26 -2.51
CA ALA C 71 2.62 -16.39 -3.01
C ALA C 71 1.66 -15.57 -2.16
N ASP C 72 1.95 -15.47 -0.86
CA ASP C 72 1.13 -14.69 0.05
C ASP C 72 1.37 -13.22 -0.21
N ALA C 73 2.61 -12.85 -0.52
CA ALA C 73 2.93 -11.47 -0.82
C ALA C 73 2.22 -11.06 -2.11
N GLY C 74 2.15 -11.96 -3.09
CA GLY C 74 1.43 -11.65 -4.30
C GLY C 74 -0.04 -11.42 -4.04
N LEU C 75 -0.62 -12.28 -3.19
CA LEU C 75 -2.03 -12.14 -2.87
C LEU C 75 -2.24 -10.85 -2.12
N ALA C 76 -1.28 -10.47 -1.25
CA ALA C 76 -1.33 -9.19 -0.54
C ALA C 76 -1.23 -8.03 -1.52
N MET C 77 -0.38 -8.20 -2.53
CA MET C 77 -0.24 -7.16 -3.54
C MET C 77 -1.52 -7.08 -4.37
N LEU C 78 -2.17 -8.21 -4.62
CA LEU C 78 -3.44 -8.21 -5.34
C LEU C 78 -4.49 -7.50 -4.52
N ARG C 79 -4.43 -7.65 -3.19
CA ARG C 79 -5.42 -7.01 -2.32
C ARG C 79 -5.18 -5.50 -2.34
N PHE C 80 -3.90 -5.08 -2.41
CA PHE C 80 -3.57 -3.68 -2.56
C PHE C 80 -4.17 -3.11 -3.82
N TRP C 81 -4.04 -3.85 -4.91
CA TRP C 81 -4.54 -3.37 -6.19
C TRP C 81 -6.04 -3.15 -6.12
N LEU C 82 -6.76 -4.03 -5.40
CA LEU C 82 -8.19 -3.81 -5.27
C LEU C 82 -8.41 -2.49 -4.51
N ARG C 83 -7.68 -2.29 -3.41
CA ARG C 83 -7.77 -1.06 -2.65
C ARG C 83 -7.42 0.13 -3.53
N PHE C 84 -6.38 0.00 -4.35
CA PHE C 84 -5.88 1.13 -5.12
C PHE C 84 -6.82 1.47 -6.24
N LEU C 85 -7.25 0.43 -6.98
CA LEU C 85 -8.13 0.66 -8.12
C LEU C 85 -9.50 1.12 -7.64
N ALA C 86 -9.84 0.82 -6.40
CA ALA C 86 -11.11 1.35 -5.87
C ALA C 86 -10.94 2.84 -5.61
N GLY C 87 -9.78 3.26 -5.12
CA GLY C 87 -9.49 4.68 -4.89
C GLY C 87 -9.43 5.45 -6.19
N ILE C 88 -8.45 5.16 -7.06
CA ILE C 88 -8.30 5.89 -8.35
C ILE C 88 -9.64 6.53 -8.69
N GLN C 89 -9.73 7.86 -8.59
CA GLN C 89 -11.03 8.53 -8.77
C GLN C 89 -11.08 9.21 -10.13
N LYS C 90 -10.04 9.05 -10.93
CA LYS C 90 -10.07 9.61 -12.30
C LYS C 90 -11.06 8.73 -13.08
N PRO C 91 -10.82 8.29 -14.33
CA PRO C 91 -11.74 7.37 -14.98
C PRO C 91 -12.50 6.44 -14.02
N HIS C 92 -11.90 6.03 -12.90
CA HIS C 92 -12.56 5.16 -11.87
C HIS C 92 -12.48 3.70 -12.29
N ALA C 93 -12.49 2.79 -11.31
CA ALA C 93 -12.38 1.34 -11.62
C ALA C 93 -12.93 0.50 -10.45
N MET C 94 -12.55 -0.77 -10.35
CA MET C 94 -13.08 -1.68 -9.28
C MET C 94 -14.02 -0.94 -8.34
N THR C 95 -15.31 -0.96 -8.62
CA THR C 95 -16.32 -0.42 -7.72
C THR C 95 -16.16 -1.12 -6.37
N PRO C 96 -16.63 -0.51 -5.26
CA PRO C 96 -16.50 -1.12 -3.95
C PRO C 96 -17.09 -2.52 -3.84
N HIS C 97 -18.15 -2.79 -4.60
CA HIS C 97 -18.73 -4.13 -4.63
C HIS C 97 -17.71 -5.12 -5.21
N GLN C 98 -16.95 -4.69 -6.20
CA GLN C 98 -16.01 -5.53 -6.88
C GLN C 98 -14.79 -5.79 -5.99
N VAL C 99 -14.44 -4.85 -5.14
CA VAL C 99 -13.38 -5.10 -4.15
C VAL C 99 -13.87 -6.09 -3.12
N GLU C 100 -15.18 -5.99 -2.79
CA GLU C 100 -15.79 -6.87 -1.80
C GLU C 100 -15.80 -8.32 -2.31
N THR C 101 -16.28 -8.51 -3.54
CA THR C 101 -16.40 -9.83 -4.12
C THR C 101 -15.04 -10.44 -4.39
N ALA C 102 -14.08 -9.59 -4.76
CA ALA C 102 -12.75 -10.08 -5.05
C ALA C 102 -12.05 -10.49 -3.75
N GLN C 103 -12.24 -9.68 -2.68
CA GLN C 103 -11.58 -9.98 -1.43
C GLN C 103 -12.05 -11.32 -0.88
N VAL C 104 -13.30 -11.67 -1.18
CA VAL C 104 -13.85 -12.96 -0.77
C VAL C 104 -13.14 -14.08 -1.52
N LEU C 105 -12.89 -13.86 -2.83
CA LEU C 105 -12.29 -14.89 -3.64
C LEU C 105 -10.83 -15.04 -3.24
N ILE C 106 -10.13 -13.91 -3.02
CA ILE C 106 -8.73 -13.99 -2.67
C ILE C 106 -8.58 -14.61 -1.28
N ALA C 107 -9.60 -14.48 -0.44
CA ALA C 107 -9.54 -15.02 0.90
C ALA C 107 -9.52 -16.54 0.83
N GLU C 108 -10.33 -17.13 -0.07
CA GLU C 108 -10.31 -18.57 -0.21
C GLU C 108 -8.99 -19.02 -0.81
N VAL C 109 -8.36 -18.18 -1.61
CA VAL C 109 -7.02 -18.50 -2.12
C VAL C 109 -6.00 -18.37 -0.99
N GLY C 110 -6.23 -17.40 -0.10
CA GLY C 110 -5.38 -17.22 1.06
C GLY C 110 -5.60 -18.34 2.07
N ARG C 111 -6.82 -18.88 2.12
CA ARG C 111 -7.16 -19.92 3.08
C ARG C 111 -6.41 -21.19 2.69
N ILE C 112 -6.44 -21.53 1.39
CA ILE C 112 -5.79 -22.75 0.93
C ILE C 112 -4.27 -22.58 1.04
N LEU C 113 -3.76 -21.39 0.75
CA LEU C 113 -2.35 -21.13 0.90
C LEU C 113 -1.95 -21.18 2.38
N GLY C 114 -2.83 -20.76 3.28
CA GLY C 114 -2.53 -20.82 4.69
C GLY C 114 -2.39 -22.25 5.20
N SER C 115 -3.34 -23.10 4.80
CA SER C 115 -3.26 -24.52 5.13
C SER C 115 -2.06 -25.16 4.45
N TRP C 116 -1.71 -24.65 3.28
CA TRP C 116 -0.56 -25.14 2.55
C TRP C 116 0.73 -24.81 3.31
N ILE C 117 0.81 -23.59 3.81
CA ILE C 117 2.00 -23.17 4.54
C ILE C 117 2.14 -23.99 5.81
N ALA C 118 1.03 -24.26 6.49
CA ALA C 118 1.07 -25.03 7.73
C ALA C 118 1.48 -26.47 7.44
N ARG C 119 1.01 -27.04 6.33
CA ARG C 119 1.42 -28.39 5.96
C ARG C 119 2.94 -28.48 5.74
N VAL C 120 3.53 -27.46 5.15
CA VAL C 120 4.96 -27.47 4.92
C VAL C 120 5.73 -27.21 6.22
N ASN C 121 5.24 -26.25 7.03
CA ASN C 121 5.88 -25.95 8.30
C ASN C 121 5.75 -27.13 9.26
N ARG C 122 4.70 -27.95 9.11
CA ARG C 122 4.53 -29.15 9.92
C ARG C 122 5.05 -30.37 9.15
N LYS C 123 6.08 -30.16 8.32
CA LYS C 123 6.77 -31.22 7.61
C LYS C 123 5.77 -32.12 6.86
N ASP D 12 17.93 -31.96 -25.44
CA ASP D 12 19.18 -31.16 -25.43
C ASP D 12 18.87 -29.69 -25.16
N GLN D 13 19.65 -28.80 -25.78
CA GLN D 13 19.55 -27.37 -25.59
C GLN D 13 18.92 -26.69 -26.80
N MET D 14 19.19 -27.21 -28.02
CA MET D 14 18.44 -26.79 -29.20
C MET D 14 17.35 -27.79 -29.53
N LEU D 15 17.43 -28.99 -28.94
CA LEU D 15 16.36 -30.01 -29.11
C LEU D 15 15.10 -29.51 -28.42
N ILE D 16 15.28 -28.78 -27.32
CA ILE D 16 14.10 -28.30 -26.53
C ILE D 16 13.50 -27.15 -27.30
N VAL D 17 14.33 -26.25 -27.81
CA VAL D 17 13.80 -25.05 -28.45
C VAL D 17 13.10 -25.46 -29.73
N GLU D 18 13.73 -26.32 -30.54
CA GLU D 18 13.14 -26.76 -31.80
C GLU D 18 11.73 -27.33 -31.57
N ARG D 19 11.52 -28.04 -30.47
CA ARG D 19 10.20 -28.54 -30.13
C ARG D 19 9.31 -27.47 -29.55
N TYR D 20 9.88 -26.49 -28.87
CA TYR D 20 9.09 -25.35 -28.40
C TYR D 20 8.73 -24.41 -29.54
N GLU D 21 9.55 -24.39 -30.61
CA GLU D 21 9.22 -23.64 -31.79
C GLU D 21 7.87 -24.10 -32.32
N ARG D 22 7.58 -25.41 -32.17
CA ARG D 22 6.31 -25.94 -32.65
C ARG D 22 5.14 -25.47 -31.81
N VAL D 23 5.38 -25.27 -30.51
CA VAL D 23 4.38 -24.70 -29.63
C VAL D 23 4.10 -23.28 -30.10
N ILE D 24 5.17 -22.50 -30.37
CA ILE D 24 5.03 -21.12 -30.77
C ILE D 24 4.31 -21.12 -32.12
N SER D 25 4.82 -21.91 -33.06
CA SER D 25 4.26 -21.94 -34.41
C SER D 25 2.77 -22.26 -34.37
N TYR D 26 2.29 -22.94 -33.33
CA TYR D 26 0.87 -23.24 -33.18
C TYR D 26 0.15 -22.17 -32.38
N LEU D 27 0.75 -21.74 -31.28
CA LEU D 27 0.06 -20.86 -30.35
C LEU D 27 0.10 -19.42 -30.82
N TYR D 28 1.15 -19.02 -31.57
CA TYR D 28 1.29 -17.64 -31.93
C TYR D 28 0.18 -17.25 -32.89
N PRO D 29 -0.21 -18.06 -33.87
CA PRO D 29 -1.41 -17.75 -34.66
C PRO D 29 -2.67 -17.63 -33.84
N ILE D 30 -2.80 -18.44 -32.79
CA ILE D 30 -3.94 -18.33 -31.91
C ILE D 30 -3.86 -17.02 -31.13
N ALA D 31 -2.66 -16.67 -30.68
CA ALA D 31 -2.45 -15.46 -29.91
C ALA D 31 -2.76 -14.24 -30.76
N GLN D 32 -2.41 -14.29 -32.06
CA GLN D 32 -2.65 -13.17 -32.94
C GLN D 32 -4.14 -13.04 -33.30
N SER D 33 -4.93 -14.10 -33.11
CA SER D 33 -6.35 -14.05 -33.42
C SER D 33 -7.16 -13.44 -32.26
N ILE D 34 -6.56 -13.38 -31.06
CA ILE D 34 -7.19 -12.79 -29.90
C ILE D 34 -7.62 -11.38 -30.27
N PRO D 35 -8.89 -11.00 -30.05
CA PRO D 35 -9.34 -9.67 -30.45
C PRO D 35 -8.63 -8.54 -29.69
N ARG D 36 -8.86 -7.32 -30.14
CA ARG D 36 -8.26 -6.14 -29.48
C ARG D 36 -8.67 -6.15 -28.01
N LYS D 37 -9.97 -6.28 -27.75
CA LYS D 37 -10.44 -6.20 -26.35
C LYS D 37 -9.41 -6.85 -25.43
N HIS D 38 -8.93 -8.04 -25.79
CA HIS D 38 -7.98 -8.73 -24.95
C HIS D 38 -6.57 -8.57 -25.50
N GLY D 39 -6.20 -7.33 -25.83
CA GLY D 39 -4.88 -7.01 -26.32
C GLY D 39 -3.79 -7.16 -25.25
N VAL D 40 -4.10 -6.72 -24.05
CA VAL D 40 -3.13 -6.78 -22.97
C VAL D 40 -2.91 -8.23 -22.56
N ALA D 41 -3.96 -9.05 -22.53
CA ALA D 41 -3.76 -10.45 -22.20
C ALA D 41 -2.93 -11.11 -23.31
N ARG D 42 -3.15 -10.70 -24.56
CA ARG D 42 -2.37 -11.23 -25.66
C ARG D 42 -0.90 -10.85 -25.53
N GLU D 43 -0.61 -9.59 -25.26
CA GLU D 43 0.78 -9.14 -25.08
C GLU D 43 1.41 -9.90 -23.95
N MET D 44 0.64 -10.17 -22.89
CA MET D 44 1.16 -10.93 -21.76
C MET D 44 1.38 -12.41 -22.14
N PHE D 45 0.43 -12.97 -22.88
CA PHE D 45 0.54 -14.32 -23.36
C PHE D 45 1.71 -14.45 -24.32
N LEU D 46 1.89 -13.47 -25.20
CA LEU D 46 2.94 -13.53 -26.20
C LEU D 46 4.29 -13.40 -25.54
N LYS D 47 4.37 -12.59 -24.47
CA LYS D 47 5.63 -12.48 -23.76
C LYS D 47 5.92 -13.75 -22.98
N CYS D 48 4.88 -14.51 -22.65
CA CYS D 48 5.06 -15.79 -22.00
C CYS D 48 5.42 -16.86 -23.02
N LEU D 49 4.77 -16.83 -24.18
CA LEU D 49 5.02 -17.80 -25.23
C LEU D 49 6.39 -17.53 -25.84
N LEU D 50 6.60 -16.36 -26.43
CA LEU D 50 7.85 -16.09 -27.11
C LEU D 50 8.96 -15.89 -26.09
N GLY D 51 8.65 -15.49 -24.87
CA GLY D 51 9.72 -15.26 -23.90
C GLY D 51 10.23 -16.54 -23.23
N GLN D 52 9.53 -17.65 -23.42
CA GLN D 52 9.94 -18.89 -22.82
C GLN D 52 11.14 -19.47 -23.58
N VAL D 53 11.35 -19.04 -24.82
CA VAL D 53 12.54 -19.47 -25.56
C VAL D 53 13.77 -19.01 -24.81
N GLU D 54 13.76 -17.76 -24.34
CA GLU D 54 14.89 -17.21 -23.61
C GLU D 54 15.13 -18.04 -22.34
N LEU D 55 14.07 -18.53 -21.72
CA LEU D 55 14.22 -19.34 -20.53
C LEU D 55 14.94 -20.63 -20.89
N PHE D 56 14.57 -21.24 -22.01
CA PHE D 56 15.28 -22.44 -22.45
C PHE D 56 16.72 -22.11 -22.84
N ILE D 57 16.90 -21.02 -23.58
CA ILE D 57 18.21 -20.69 -24.12
C ILE D 57 19.18 -20.38 -22.97
N VAL D 58 18.73 -19.59 -21.99
CA VAL D 58 19.60 -19.21 -20.90
C VAL D 58 19.95 -20.42 -20.03
N ALA D 59 19.14 -21.49 -20.10
CA ALA D 59 19.41 -22.71 -19.36
C ALA D 59 20.37 -23.62 -20.12
N GLY D 60 20.36 -23.55 -21.45
CA GLY D 60 21.31 -24.29 -22.28
C GLY D 60 22.73 -23.76 -22.17
N LYS D 61 22.82 -22.43 -22.16
CA LYS D 61 24.15 -21.79 -22.05
C LYS D 61 24.68 -22.17 -20.68
N SER D 62 24.30 -21.40 -19.68
CA SER D 62 24.69 -21.77 -18.30
C SER D 62 23.77 -22.93 -17.88
N ASN D 63 24.30 -24.14 -17.69
CA ASN D 63 23.45 -25.35 -17.49
C ASN D 63 22.89 -25.54 -16.08
N GLN D 64 23.19 -24.60 -15.17
CA GLN D 64 22.70 -24.68 -13.75
C GLN D 64 21.21 -24.99 -13.71
N VAL D 65 20.81 -25.91 -12.84
CA VAL D 65 19.42 -26.34 -12.76
C VAL D 65 18.49 -25.20 -12.38
N SER D 66 19.04 -24.03 -12.01
CA SER D 66 18.22 -22.92 -11.57
C SER D 66 17.25 -22.47 -12.67
N LYS D 67 17.81 -22.16 -13.85
CA LYS D 67 16.99 -21.71 -14.95
C LYS D 67 16.34 -22.88 -15.67
N LEU D 68 16.68 -24.11 -15.31
CA LEU D 68 15.96 -25.26 -15.82
C LEU D 68 14.59 -25.40 -15.14
N TYR D 69 14.49 -25.01 -13.88
CA TYR D 69 13.21 -25.00 -13.19
C TYR D 69 12.42 -23.75 -13.58
N ALA D 70 13.10 -22.63 -13.82
CA ALA D 70 12.45 -21.43 -14.29
C ALA D 70 11.83 -21.65 -15.66
N ALA D 71 12.48 -22.48 -16.48
CA ALA D 71 11.92 -22.88 -17.76
C ALA D 71 10.69 -23.75 -17.55
N ASP D 72 10.70 -24.57 -16.50
CA ASP D 72 9.56 -25.43 -16.21
C ASP D 72 8.41 -24.60 -15.68
N ALA D 73 8.71 -23.58 -14.89
CA ALA D 73 7.69 -22.70 -14.38
C ALA D 73 7.06 -21.92 -15.53
N GLY D 74 7.88 -21.52 -16.51
CA GLY D 74 7.34 -20.81 -17.65
C GLY D 74 6.42 -21.72 -18.45
N LEU D 75 6.81 -22.99 -18.59
CA LEU D 75 5.99 -23.93 -19.34
C LEU D 75 4.67 -24.12 -18.61
N ALA D 76 4.73 -24.22 -17.28
CA ALA D 76 3.53 -24.34 -16.47
C ALA D 76 2.69 -23.07 -16.56
N MET D 77 3.36 -21.92 -16.65
CA MET D 77 2.62 -20.68 -16.83
C MET D 77 1.98 -20.64 -18.21
N LEU D 78 2.65 -21.18 -19.23
CA LEU D 78 2.08 -21.26 -20.58
C LEU D 78 0.86 -22.18 -20.54
N ARG D 79 0.91 -23.23 -19.72
CA ARG D 79 -0.22 -24.14 -19.66
C ARG D 79 -1.40 -23.44 -19.01
N PHE D 80 -1.13 -22.56 -18.03
CA PHE D 80 -2.19 -21.77 -17.45
C PHE D 80 -2.80 -20.83 -18.50
N TRP D 81 -1.97 -20.22 -19.31
CA TRP D 81 -2.43 -19.33 -20.34
C TRP D 81 -3.37 -20.09 -21.29
N LEU D 82 -3.11 -21.37 -21.58
CA LEU D 82 -4.04 -22.12 -22.39
C LEU D 82 -5.39 -22.18 -21.67
N ARG D 83 -5.38 -22.49 -20.36
CA ARG D 83 -6.59 -22.48 -19.57
C ARG D 83 -7.24 -21.11 -19.55
N PHE D 84 -6.45 -20.05 -19.48
CA PHE D 84 -6.96 -18.69 -19.40
C PHE D 84 -7.58 -18.28 -20.72
N LEU D 85 -6.87 -18.51 -21.83
CA LEU D 85 -7.37 -18.12 -23.13
C LEU D 85 -8.65 -18.86 -23.51
N ALA D 86 -8.87 -20.05 -22.92
CA ALA D 86 -10.04 -20.85 -23.21
C ALA D 86 -10.73 -21.22 -21.90
N GLY D 87 -11.25 -20.21 -21.22
CA GLY D 87 -11.93 -20.46 -19.96
C GLY D 87 -12.10 -19.20 -19.12
N ILE D 88 -11.26 -18.20 -19.33
CA ILE D 88 -11.33 -16.98 -18.57
C ILE D 88 -11.50 -15.79 -19.52
N GLN D 89 -10.82 -15.79 -20.66
CA GLN D 89 -11.12 -14.87 -21.74
C GLN D 89 -12.57 -15.11 -22.16
N LYS D 90 -13.45 -14.14 -21.88
CA LYS D 90 -14.88 -14.39 -22.02
C LYS D 90 -15.26 -14.67 -23.48
N PRO D 91 -14.88 -13.84 -24.47
CA PRO D 91 -14.81 -14.37 -25.85
C PRO D 91 -13.65 -15.34 -25.98
N HIS D 92 -13.94 -16.63 -25.83
CA HIS D 92 -12.91 -17.65 -25.80
C HIS D 92 -12.02 -17.58 -27.04
N ALA D 93 -10.79 -17.10 -26.84
CA ALA D 93 -9.86 -16.94 -27.95
C ALA D 93 -9.10 -18.25 -28.20
N MET D 94 -9.56 -19.37 -27.64
CA MET D 94 -8.96 -20.64 -27.98
C MET D 94 -9.99 -21.75 -27.81
N THR D 95 -9.90 -22.77 -28.67
CA THR D 95 -10.87 -23.87 -28.68
C THR D 95 -10.31 -25.04 -27.90
N PRO D 96 -11.18 -25.88 -27.29
CA PRO D 96 -10.69 -26.99 -26.49
C PRO D 96 -9.80 -27.96 -27.25
N HIS D 97 -9.97 -28.06 -28.57
CA HIS D 97 -9.07 -28.87 -29.37
C HIS D 97 -7.65 -28.29 -29.30
N GLN D 98 -7.55 -26.98 -29.47
CA GLN D 98 -6.26 -26.29 -29.48
C GLN D 98 -5.59 -26.39 -28.12
N VAL D 99 -6.35 -26.45 -27.03
CA VAL D 99 -5.77 -26.64 -25.71
C VAL D 99 -5.34 -28.08 -25.55
N GLU D 100 -5.63 -28.98 -26.52
CA GLU D 100 -5.23 -30.38 -26.45
C GLU D 100 -3.97 -30.65 -27.27
N THR D 101 -3.92 -30.11 -28.50
CA THR D 101 -2.74 -30.27 -29.33
C THR D 101 -1.60 -29.43 -28.78
N ALA D 102 -1.90 -28.20 -28.36
CA ALA D 102 -0.88 -27.34 -27.78
C ALA D 102 -0.40 -27.89 -26.45
N GLN D 103 -1.26 -28.53 -25.69
CA GLN D 103 -0.83 -29.18 -24.45
C GLN D 103 0.09 -30.34 -24.80
N VAL D 104 -0.20 -31.05 -25.89
CA VAL D 104 0.66 -32.14 -26.34
C VAL D 104 1.95 -31.58 -26.91
N LEU D 105 1.91 -30.40 -27.53
CA LEU D 105 3.14 -29.74 -27.94
C LEU D 105 3.95 -29.31 -26.72
N ILE D 106 3.26 -28.78 -25.70
CA ILE D 106 3.94 -28.37 -24.49
C ILE D 106 4.42 -29.60 -23.72
N ALA D 107 3.66 -30.71 -23.81
CA ALA D 107 4.05 -31.93 -23.14
C ALA D 107 5.33 -32.48 -23.75
N GLU D 108 5.53 -32.28 -25.07
CA GLU D 108 6.72 -32.81 -25.70
C GLU D 108 7.95 -32.02 -25.26
N VAL D 109 7.84 -30.70 -25.21
CA VAL D 109 8.93 -29.88 -24.73
C VAL D 109 9.09 -30.04 -23.21
N GLY D 110 8.01 -30.42 -22.54
CA GLY D 110 8.10 -30.73 -21.12
C GLY D 110 8.83 -32.03 -20.88
N ARG D 111 8.74 -32.98 -21.80
CA ARG D 111 9.44 -34.24 -21.67
C ARG D 111 10.93 -34.01 -21.82
N ILE D 112 11.34 -33.17 -22.77
CA ILE D 112 12.75 -32.85 -22.92
C ILE D 112 13.27 -32.09 -21.71
N LEU D 113 12.44 -31.19 -21.18
CA LEU D 113 12.81 -30.44 -19.99
C LEU D 113 12.94 -31.38 -18.78
N GLY D 114 12.07 -32.37 -18.70
CA GLY D 114 12.10 -33.33 -17.61
C GLY D 114 13.37 -34.18 -17.66
N SER D 115 13.69 -34.69 -18.86
CA SER D 115 14.91 -35.45 -19.06
C SER D 115 16.13 -34.57 -18.82
N TRP D 116 16.03 -33.30 -19.21
CA TRP D 116 17.09 -32.34 -18.99
C TRP D 116 17.30 -32.11 -17.50
N ILE D 117 16.22 -31.95 -16.75
CA ILE D 117 16.33 -31.79 -15.31
C ILE D 117 16.99 -33.02 -14.69
N ALA D 118 16.60 -34.21 -15.17
CA ALA D 118 17.14 -35.43 -14.60
C ALA D 118 18.63 -35.57 -14.92
N ARG D 119 19.03 -35.19 -16.14
CA ARG D 119 20.40 -35.35 -16.57
C ARG D 119 21.31 -34.42 -15.77
N VAL D 120 20.82 -33.23 -15.42
CA VAL D 120 21.64 -32.28 -14.69
C VAL D 120 21.69 -32.69 -13.21
N ASN D 121 20.57 -33.16 -12.68
CA ASN D 121 20.49 -33.55 -11.28
C ASN D 121 20.98 -34.98 -11.05
N ARG D 122 21.63 -35.61 -12.04
CA ARG D 122 22.25 -36.91 -11.82
C ARG D 122 23.29 -36.83 -10.71
N LYS D 123 24.08 -35.75 -10.71
CA LYS D 123 25.12 -35.53 -9.72
C LYS D 123 24.51 -35.00 -8.41
N ASP E 12 37.30 -8.18 -25.89
CA ASP E 12 37.04 -6.89 -25.21
C ASP E 12 35.67 -6.36 -25.62
N GLN E 13 35.00 -5.66 -24.68
CA GLN E 13 33.62 -5.27 -24.88
C GLN E 13 33.49 -4.28 -26.04
N MET E 14 34.56 -3.52 -26.33
CA MET E 14 34.49 -2.50 -27.37
C MET E 14 34.40 -3.16 -28.74
N LEU E 15 35.09 -4.28 -28.95
CA LEU E 15 35.11 -4.89 -30.27
C LEU E 15 33.75 -5.54 -30.58
N ILE E 16 33.19 -6.23 -29.59
CA ILE E 16 31.93 -6.94 -29.79
C ILE E 16 30.79 -5.97 -30.01
N VAL E 17 30.83 -4.85 -29.27
CA VAL E 17 29.79 -3.87 -29.39
C VAL E 17 29.85 -3.20 -30.76
N GLU E 18 31.06 -2.83 -31.19
CA GLU E 18 31.23 -2.21 -32.49
C GLU E 18 30.75 -3.16 -33.58
N ARG E 19 31.03 -4.45 -33.43
CA ARG E 19 30.56 -5.44 -34.40
C ARG E 19 29.07 -5.71 -34.26
N TYR E 20 28.53 -5.61 -33.04
CA TYR E 20 27.11 -5.80 -32.83
C TYR E 20 26.34 -4.55 -33.26
N GLU E 21 26.99 -3.39 -33.25
CA GLU E 21 26.36 -2.19 -33.77
C GLU E 21 26.00 -2.39 -35.24
N ARG E 22 26.78 -3.23 -35.94
CA ARG E 22 26.48 -3.54 -37.34
C ARG E 22 25.23 -4.40 -37.47
N VAL E 23 25.04 -5.31 -36.50
CA VAL E 23 23.82 -6.09 -36.44
C VAL E 23 22.63 -5.17 -36.25
N ILE E 24 22.77 -4.20 -35.34
CA ILE E 24 21.67 -3.28 -35.07
C ILE E 24 21.43 -2.43 -36.30
N SER E 25 22.52 -1.88 -36.85
CA SER E 25 22.39 -0.99 -37.99
C SER E 25 21.66 -1.67 -39.15
N TYR E 26 21.74 -3.02 -39.22
CA TYR E 26 21.04 -3.76 -40.26
C TYR E 26 19.65 -4.19 -39.82
N LEU E 27 19.54 -4.68 -38.58
CA LEU E 27 18.30 -5.29 -38.14
C LEU E 27 17.31 -4.23 -37.69
N TYR E 28 17.75 -3.08 -37.20
CA TYR E 28 16.82 -2.14 -36.60
C TYR E 28 15.92 -1.56 -37.67
N PRO E 29 16.39 -1.24 -38.88
CA PRO E 29 15.41 -0.89 -39.92
C PRO E 29 14.48 -2.04 -40.28
N ILE E 30 14.98 -3.26 -40.27
CA ILE E 30 14.16 -4.44 -40.57
C ILE E 30 13.22 -4.69 -39.40
N ALA E 31 13.69 -4.53 -38.17
CA ALA E 31 12.85 -4.71 -37.01
C ALA E 31 11.78 -3.66 -36.90
N GLN E 32 12.00 -2.47 -37.45
CA GLN E 32 10.97 -1.44 -37.50
C GLN E 32 9.92 -1.80 -38.55
N SER E 33 10.28 -2.61 -39.56
CA SER E 33 9.40 -2.85 -40.70
C SER E 33 8.44 -4.02 -40.42
N ILE E 34 8.69 -4.82 -39.38
CA ILE E 34 7.75 -5.88 -38.96
C ILE E 34 6.38 -5.21 -38.74
N PRO E 35 5.32 -5.74 -39.35
CA PRO E 35 4.00 -5.13 -39.28
C PRO E 35 3.45 -4.96 -37.88
N ARG E 36 2.62 -3.94 -37.71
CA ARG E 36 2.03 -3.58 -36.42
C ARG E 36 1.28 -4.79 -35.91
N LYS E 37 0.73 -5.62 -36.82
CA LYS E 37 0.03 -6.81 -36.41
C LYS E 37 0.97 -7.66 -35.54
N HIS E 38 2.21 -7.86 -36.01
CA HIS E 38 3.19 -8.60 -35.26
C HIS E 38 3.91 -7.63 -34.33
N GLY E 39 3.12 -6.84 -33.60
CA GLY E 39 3.66 -5.74 -32.81
C GLY E 39 4.43 -6.19 -31.60
N VAL E 40 3.87 -7.18 -30.90
CA VAL E 40 4.52 -7.65 -29.69
C VAL E 40 5.84 -8.33 -30.06
N ALA E 41 5.80 -9.18 -31.11
CA ALA E 41 7.01 -9.87 -31.50
C ALA E 41 8.05 -8.85 -31.95
N ARG E 42 7.59 -7.76 -32.56
CA ARG E 42 8.49 -6.72 -33.00
C ARG E 42 9.13 -6.05 -31.78
N GLU E 43 8.32 -5.57 -30.86
CA GLU E 43 8.86 -4.82 -29.72
C GLU E 43 9.72 -5.73 -28.89
N MET E 44 9.44 -7.03 -28.84
CA MET E 44 10.29 -7.97 -28.12
C MET E 44 11.58 -8.21 -28.89
N PHE E 45 11.51 -8.28 -30.22
CA PHE E 45 12.71 -8.41 -31.03
C PHE E 45 13.55 -7.14 -30.94
N LEU E 46 12.90 -5.96 -30.90
CA LEU E 46 13.66 -4.73 -30.79
C LEU E 46 14.33 -4.63 -29.41
N LYS E 47 13.63 -5.09 -28.38
CA LYS E 47 14.22 -5.09 -27.04
C LYS E 47 15.29 -6.13 -26.92
N CYS E 48 15.32 -7.10 -27.81
CA CYS E 48 16.36 -8.11 -27.79
C CYS E 48 17.53 -7.66 -28.64
N LEU E 49 17.25 -6.86 -29.67
CA LEU E 49 18.29 -6.34 -30.54
C LEU E 49 18.96 -5.31 -29.67
N LEU E 50 18.30 -4.16 -29.51
CA LEU E 50 18.90 -3.15 -28.67
C LEU E 50 18.57 -3.66 -27.30
N GLY E 51 19.57 -3.76 -26.44
CA GLY E 51 19.37 -4.50 -25.19
C GLY E 51 20.39 -5.62 -25.05
N GLN E 52 20.82 -6.14 -26.19
CA GLN E 52 21.91 -7.11 -26.16
C GLN E 52 23.23 -6.37 -26.06
N VAL E 53 23.22 -5.08 -26.42
CA VAL E 53 24.38 -4.21 -26.19
C VAL E 53 24.67 -4.23 -24.70
N GLU E 54 23.62 -4.03 -23.89
CA GLU E 54 23.78 -3.95 -22.45
C GLU E 54 24.36 -5.25 -21.94
N LEU E 55 23.99 -6.38 -22.54
CA LEU E 55 24.54 -7.67 -22.12
C LEU E 55 26.04 -7.70 -22.38
N PHE E 56 26.46 -7.22 -23.54
CA PHE E 56 27.88 -7.15 -23.83
C PHE E 56 28.57 -6.13 -22.92
N ILE E 57 27.94 -4.97 -22.72
CA ILE E 57 28.56 -3.91 -21.95
C ILE E 57 28.72 -4.33 -20.49
N VAL E 58 27.71 -4.95 -19.91
CA VAL E 58 27.78 -5.44 -18.55
C VAL E 58 28.84 -6.53 -18.42
N ALA E 59 28.99 -7.33 -19.48
CA ALA E 59 30.00 -8.38 -19.47
C ALA E 59 31.40 -7.78 -19.50
N GLY E 60 31.57 -6.65 -20.21
CA GLY E 60 32.87 -6.03 -20.34
C GLY E 60 33.23 -5.17 -19.15
N LYS E 61 32.26 -4.43 -18.64
CA LYS E 61 32.54 -3.48 -17.52
C LYS E 61 32.80 -4.30 -16.26
N SER E 62 32.42 -5.57 -16.26
CA SER E 62 32.70 -6.43 -15.11
C SER E 62 33.37 -7.71 -15.59
N ASN E 63 33.33 -8.76 -14.77
CA ASN E 63 33.87 -10.06 -15.17
C ASN E 63 33.20 -11.08 -14.29
N GLN E 64 32.47 -12.01 -14.90
CA GLN E 64 31.83 -13.07 -14.12
C GLN E 64 31.72 -14.35 -14.93
N VAL E 65 31.95 -14.27 -16.24
CA VAL E 65 31.75 -15.43 -17.15
C VAL E 65 30.24 -15.56 -17.39
N SER E 66 29.45 -15.57 -16.31
CA SER E 66 28.02 -15.71 -16.44
C SER E 66 27.52 -14.57 -17.29
N LYS E 67 28.14 -13.41 -17.15
CA LYS E 67 27.74 -12.27 -17.92
C LYS E 67 28.05 -12.53 -19.39
N LEU E 68 29.16 -13.21 -19.65
CA LEU E 68 29.53 -13.54 -21.02
C LEU E 68 28.66 -14.68 -21.55
N TYR E 69 28.05 -15.48 -20.68
CA TYR E 69 27.10 -16.48 -21.11
C TYR E 69 25.74 -15.85 -21.35
N ALA E 70 25.34 -14.89 -20.52
CA ALA E 70 24.07 -14.21 -20.74
C ALA E 70 24.11 -13.41 -22.04
N ALA E 71 25.29 -12.93 -22.43
CA ALA E 71 25.45 -12.31 -23.74
C ALA E 71 25.32 -13.34 -24.84
N ASP E 72 25.76 -14.58 -24.58
CA ASP E 72 25.61 -15.65 -25.56
C ASP E 72 24.13 -16.06 -25.66
N ALA E 73 23.44 -16.06 -24.54
CA ALA E 73 22.03 -16.39 -24.54
C ALA E 73 21.25 -15.33 -25.31
N GLY E 74 21.62 -14.07 -25.13
CA GLY E 74 20.94 -13.01 -25.85
C GLY E 74 21.17 -13.12 -27.35
N LEU E 75 22.41 -13.49 -27.72
CA LEU E 75 22.73 -13.65 -29.12
C LEU E 75 21.94 -14.82 -29.68
N ALA E 76 21.81 -15.89 -28.89
CA ALA E 76 21.01 -17.04 -29.29
C ALA E 76 19.53 -16.68 -29.38
N MET E 77 19.08 -15.82 -28.47
CA MET E 77 17.70 -15.37 -28.51
C MET E 77 17.49 -14.49 -29.75
N LEU E 78 18.50 -13.69 -30.13
CA LEU E 78 18.37 -12.89 -31.33
C LEU E 78 18.30 -13.80 -32.55
N ARG E 79 19.03 -14.94 -32.52
CA ARG E 79 19.02 -15.84 -33.64
C ARG E 79 17.65 -16.52 -33.74
N PHE E 80 17.01 -16.79 -32.57
CA PHE E 80 15.66 -17.30 -32.57
C PHE E 80 14.70 -16.31 -33.22
N TRP E 81 14.86 -15.04 -32.87
CA TRP E 81 13.95 -14.04 -33.40
C TRP E 81 14.04 -13.98 -34.92
N LEU E 82 15.26 -14.18 -35.47
CA LEU E 82 15.35 -14.13 -36.91
C LEU E 82 14.56 -15.29 -37.49
N ARG E 83 14.70 -16.47 -36.88
CA ARG E 83 14.03 -17.67 -37.44
C ARG E 83 12.55 -17.63 -37.13
N PHE E 84 12.16 -16.87 -36.11
CA PHE E 84 10.73 -16.73 -35.85
C PHE E 84 10.13 -15.69 -36.75
N LEU E 85 10.76 -14.52 -36.86
CA LEU E 85 10.21 -13.46 -37.72
C LEU E 85 10.19 -13.92 -39.17
N ALA E 86 11.13 -14.81 -39.55
CA ALA E 86 11.09 -15.39 -40.90
C ALA E 86 9.98 -16.42 -40.99
N GLY E 87 8.90 -16.06 -41.68
CA GLY E 87 7.74 -16.93 -41.79
C GLY E 87 6.93 -16.93 -40.50
N ILE E 88 6.67 -15.72 -40.02
CA ILE E 88 5.92 -15.58 -38.78
C ILE E 88 4.43 -15.82 -39.04
N GLN E 89 3.92 -15.30 -40.13
CA GLN E 89 2.54 -15.50 -40.53
C GLN E 89 2.37 -14.91 -41.94
N LYS E 90 1.12 -14.68 -42.33
CA LYS E 90 0.86 -14.05 -43.60
C LYS E 90 1.42 -12.64 -43.65
N PRO E 91 1.28 -11.78 -42.61
CA PRO E 91 2.03 -10.52 -42.59
C PRO E 91 3.52 -10.80 -42.42
N HIS E 92 4.25 -10.89 -43.54
CA HIS E 92 5.65 -11.25 -43.49
C HIS E 92 6.39 -10.20 -42.71
N ALA E 93 7.21 -10.64 -41.76
CA ALA E 93 8.07 -9.76 -40.99
C ALA E 93 9.43 -9.65 -41.70
N MET E 94 10.21 -10.75 -41.80
CA MET E 94 11.60 -10.65 -42.23
C MET E 94 11.80 -11.60 -43.38
N THR E 95 12.32 -11.09 -44.49
CA THR E 95 12.60 -11.91 -45.65
C THR E 95 13.71 -12.88 -45.34
N PRO E 96 13.71 -14.08 -45.99
CA PRO E 96 14.74 -15.07 -45.69
C PRO E 96 16.15 -14.56 -45.98
N HIS E 97 16.28 -13.63 -46.93
CA HIS E 97 17.58 -13.05 -47.24
C HIS E 97 18.06 -12.23 -46.05
N GLN E 98 17.14 -11.45 -45.45
CA GLN E 98 17.48 -10.62 -44.31
C GLN E 98 17.96 -11.48 -43.13
N VAL E 99 17.38 -12.67 -42.96
CA VAL E 99 17.80 -13.55 -41.90
C VAL E 99 19.20 -14.07 -42.20
N GLU E 100 19.47 -14.42 -43.46
CA GLU E 100 20.79 -14.90 -43.84
C GLU E 100 21.84 -13.81 -43.63
N THR E 101 21.49 -12.56 -44.01
CA THR E 101 22.42 -11.45 -43.88
C THR E 101 22.70 -11.13 -42.41
N ALA E 102 21.64 -11.13 -41.62
CA ALA E 102 21.78 -10.82 -40.20
C ALA E 102 22.51 -11.95 -39.48
N GLN E 103 22.22 -13.20 -39.85
CA GLN E 103 22.87 -14.32 -39.19
C GLN E 103 24.37 -14.26 -39.41
N VAL E 104 24.82 -13.69 -40.54
CA VAL E 104 26.25 -13.53 -40.78
C VAL E 104 26.82 -12.50 -39.82
N LEU E 105 26.10 -11.39 -39.63
CA LEU E 105 26.56 -10.35 -38.72
C LEU E 105 26.53 -10.88 -37.28
N ILE E 106 25.50 -11.63 -36.93
CA ILE E 106 25.41 -12.18 -35.59
C ILE E 106 26.45 -13.28 -35.41
N ALA E 107 26.80 -13.99 -36.48
CA ALA E 107 27.85 -14.99 -36.38
C ALA E 107 29.20 -14.32 -36.09
N GLU E 108 29.40 -13.11 -36.64
CA GLU E 108 30.63 -12.37 -36.43
C GLU E 108 30.75 -11.99 -34.95
N VAL E 109 29.66 -11.48 -34.37
CA VAL E 109 29.66 -11.15 -32.96
C VAL E 109 29.62 -12.39 -32.12
N GLY E 110 29.12 -13.50 -32.67
CA GLY E 110 29.15 -14.77 -31.96
C GLY E 110 30.57 -15.31 -31.87
N ARG E 111 31.34 -15.10 -32.95
CA ARG E 111 32.72 -15.59 -32.98
C ARG E 111 33.57 -14.79 -32.01
N ILE E 112 33.35 -13.48 -31.93
CA ILE E 112 34.07 -12.63 -31.00
C ILE E 112 33.70 -12.98 -29.57
N LEU E 113 32.43 -13.27 -29.35
CA LEU E 113 31.97 -13.66 -28.02
C LEU E 113 32.58 -15.01 -27.63
N GLY E 114 32.67 -15.92 -28.60
CA GLY E 114 33.22 -17.25 -28.34
C GLY E 114 34.69 -17.19 -27.99
N SER E 115 35.44 -16.38 -28.75
CA SER E 115 36.86 -16.19 -28.46
C SER E 115 37.03 -15.47 -27.14
N TRP E 116 36.12 -14.55 -26.82
CA TRP E 116 36.17 -13.84 -25.56
C TRP E 116 35.91 -14.80 -24.41
N ILE E 117 34.91 -15.64 -24.54
CA ILE E 117 34.62 -16.66 -23.54
C ILE E 117 35.82 -17.60 -23.38
N ALA E 118 36.46 -17.94 -24.50
CA ALA E 118 37.61 -18.83 -24.48
C ALA E 118 38.80 -18.17 -23.77
N ARG E 119 39.02 -16.89 -24.04
CA ARG E 119 40.17 -16.19 -23.49
C ARG E 119 39.98 -15.98 -21.98
N VAL E 120 38.74 -15.90 -21.51
CA VAL E 120 38.47 -15.80 -20.08
C VAL E 120 38.66 -17.18 -19.43
N ASN E 121 38.27 -18.24 -20.13
CA ASN E 121 38.33 -19.59 -19.60
C ASN E 121 39.74 -20.19 -19.69
N GLN F 13 29.14 9.34 -1.88
CA GLN F 13 29.46 10.07 -3.14
C GLN F 13 28.15 10.42 -3.84
N MET F 14 27.17 10.96 -3.11
CA MET F 14 25.85 11.27 -3.71
C MET F 14 26.02 12.51 -4.57
N LEU F 15 27.27 12.86 -4.86
CA LEU F 15 27.47 13.97 -5.83
C LEU F 15 27.21 13.37 -7.21
N ILE F 16 27.44 12.05 -7.36
CA ILE F 16 27.20 11.37 -8.66
C ILE F 16 25.75 11.64 -9.05
N VAL F 17 24.82 11.42 -8.14
CA VAL F 17 23.45 11.57 -8.55
C VAL F 17 23.14 13.02 -8.94
N GLU F 18 23.58 13.96 -8.12
CA GLU F 18 23.37 15.37 -8.40
C GLU F 18 24.03 15.76 -9.72
N ARG F 19 25.21 15.22 -10.01
CA ARG F 19 25.87 15.47 -11.27
C ARG F 19 25.20 14.71 -12.42
N TYR F 20 24.66 13.52 -12.14
CA TYR F 20 23.95 12.78 -13.16
C TYR F 20 22.57 13.38 -13.39
N GLU F 21 22.02 14.05 -12.42
CA GLU F 21 20.76 14.74 -12.58
C GLU F 21 20.86 15.80 -13.69
N ARG F 22 22.07 16.29 -14.00
CA ARG F 22 22.25 17.20 -15.13
C ARG F 22 22.42 16.46 -16.45
N VAL F 23 22.91 15.22 -16.41
CA VAL F 23 22.88 14.36 -17.58
C VAL F 23 21.43 14.12 -17.99
N ILE F 24 20.58 13.82 -17.01
CA ILE F 24 19.17 13.65 -17.25
C ILE F 24 18.61 14.95 -17.76
N SER F 25 18.89 16.05 -17.04
CA SER F 25 18.33 17.33 -17.43
C SER F 25 18.67 17.68 -18.89
N TYR F 26 19.76 17.12 -19.42
CA TYR F 26 20.13 17.37 -20.82
C TYR F 26 19.61 16.30 -21.76
N LEU F 27 19.75 15.05 -21.35
CA LEU F 27 19.40 13.94 -22.25
C LEU F 27 17.94 13.56 -22.10
N TYR F 28 17.10 14.32 -21.36
CA TYR F 28 15.71 13.94 -21.24
C TYR F 28 14.92 14.67 -22.28
N PRO F 29 15.12 15.98 -22.49
CA PRO F 29 14.38 16.62 -23.58
C PRO F 29 14.73 16.02 -24.92
N ILE F 30 15.88 15.38 -25.01
CA ILE F 30 16.30 14.79 -26.26
C ILE F 30 16.03 13.32 -26.20
N ALA F 31 15.28 12.85 -25.20
CA ALA F 31 14.83 11.44 -25.15
C ALA F 31 13.31 11.47 -25.10
N GLN F 32 12.73 12.62 -24.80
CA GLN F 32 11.26 12.80 -24.79
C GLN F 32 10.95 13.47 -26.10
N SER F 33 11.86 13.36 -27.05
CA SER F 33 11.63 13.98 -28.38
C SER F 33 11.68 12.87 -29.41
N ILE F 34 12.44 11.82 -29.13
CA ILE F 34 12.53 10.67 -30.03
C ILE F 34 11.12 10.31 -30.45
N PRO F 35 10.78 10.30 -31.76
CA PRO F 35 9.36 10.23 -32.14
C PRO F 35 8.80 8.83 -31.83
N ARG F 36 7.50 8.66 -32.07
CA ARG F 36 6.86 7.34 -31.99
C ARG F 36 7.64 6.33 -32.85
N LYS F 37 8.07 6.80 -34.04
CA LYS F 37 8.80 5.99 -35.00
C LYS F 37 9.85 5.15 -34.28
N HIS F 38 10.74 5.84 -33.55
CA HIS F 38 11.75 5.17 -32.77
C HIS F 38 11.31 5.02 -31.32
N GLY F 39 10.14 4.43 -31.12
CA GLY F 39 9.52 4.40 -29.80
C GLY F 39 10.19 3.43 -28.82
N VAL F 40 10.52 2.24 -29.31
CA VAL F 40 11.17 1.24 -28.48
C VAL F 40 12.54 1.77 -28.03
N ALA F 41 13.27 2.38 -28.96
CA ALA F 41 14.58 2.91 -28.62
C ALA F 41 14.41 4.02 -27.60
N ARG F 42 13.38 4.83 -27.72
CA ARG F 42 13.15 5.87 -26.74
C ARG F 42 12.82 5.31 -25.36
N GLU F 43 11.88 4.36 -25.29
CA GLU F 43 11.50 3.76 -24.03
C GLU F 43 12.71 3.14 -23.36
N MET F 44 13.57 2.50 -24.16
CA MET F 44 14.77 1.87 -23.62
C MET F 44 15.80 2.91 -23.24
N PHE F 45 15.92 3.98 -24.03
CA PHE F 45 16.85 5.05 -23.67
C PHE F 45 16.39 5.77 -22.42
N LEU F 46 15.08 5.98 -22.28
CA LEU F 46 14.59 6.65 -21.09
C LEU F 46 14.77 5.77 -19.87
N LYS F 47 14.60 4.46 -20.05
CA LYS F 47 14.76 3.55 -18.93
C LYS F 47 16.24 3.44 -18.58
N CYS F 48 17.11 3.71 -19.56
CA CYS F 48 18.54 3.67 -19.31
C CYS F 48 19.00 4.97 -18.70
N LEU F 49 18.45 6.08 -19.17
CA LEU F 49 18.82 7.38 -18.62
C LEU F 49 18.20 7.52 -17.24
N LEU F 50 16.88 7.47 -17.13
CA LEU F 50 16.27 7.69 -15.83
C LEU F 50 16.52 6.52 -14.89
N GLY F 51 16.77 5.33 -15.41
CA GLY F 51 16.96 4.22 -14.51
C GLY F 51 18.39 4.11 -13.99
N GLN F 52 19.30 4.95 -14.51
CA GLN F 52 20.67 4.95 -14.02
C GLN F 52 20.71 5.52 -12.60
N VAL F 53 19.73 6.37 -12.22
CA VAL F 53 19.68 6.88 -10.86
C VAL F 53 19.60 5.72 -9.91
N GLU F 54 18.73 4.75 -10.20
CA GLU F 54 18.57 3.60 -9.33
C GLU F 54 19.89 2.85 -9.23
N LEU F 55 20.65 2.77 -10.33
CA LEU F 55 21.95 2.10 -10.29
C LEU F 55 22.88 2.83 -9.34
N PHE F 56 22.88 4.16 -9.39
CA PHE F 56 23.71 4.92 -8.47
C PHE F 56 23.19 4.79 -7.04
N ILE F 57 21.87 4.87 -6.86
CA ILE F 57 21.27 4.76 -5.54
C ILE F 57 21.60 3.40 -4.88
N VAL F 58 21.44 2.32 -5.63
CA VAL F 58 21.75 1.00 -5.12
C VAL F 58 23.24 0.88 -4.81
N ALA F 59 24.08 1.56 -5.59
CA ALA F 59 25.51 1.55 -5.34
C ALA F 59 25.84 2.30 -4.04
N GLY F 60 25.10 3.38 -3.78
CA GLY F 60 25.31 4.20 -2.60
C GLY F 60 24.79 3.55 -1.33
N LYS F 61 23.83 2.62 -1.45
CA LYS F 61 23.26 1.97 -0.29
C LYS F 61 23.96 0.67 0.05
N SER F 62 25.08 0.36 -0.61
CA SER F 62 25.81 -0.86 -0.37
C SER F 62 27.32 -0.59 -0.35
N ASN F 63 27.77 0.23 -1.29
CA ASN F 63 29.24 0.48 -1.45
C ASN F 63 29.90 -0.74 -2.10
N GLN F 64 29.14 -1.80 -2.42
CA GLN F 64 29.70 -2.93 -3.12
C GLN F 64 30.19 -2.45 -4.50
N VAL F 65 31.45 -2.78 -4.74
CA VAL F 65 32.07 -2.38 -6.02
C VAL F 65 31.16 -2.91 -7.11
N SER F 66 30.66 -4.13 -6.93
CA SER F 66 29.74 -4.69 -7.93
C SER F 66 28.74 -3.61 -8.32
N LYS F 67 27.86 -3.22 -7.40
CA LYS F 67 26.80 -2.26 -7.78
C LYS F 67 27.47 -1.03 -8.41
N LEU F 68 28.72 -0.76 -8.07
CA LEU F 68 29.43 0.36 -8.67
C LEU F 68 29.80 0.06 -10.12
N TYR F 69 30.13 -1.21 -10.43
CA TYR F 69 30.44 -1.59 -11.80
C TYR F 69 29.19 -1.59 -12.65
N ALA F 70 28.05 -1.98 -12.05
CA ALA F 70 26.79 -1.97 -12.79
C ALA F 70 26.40 -0.54 -13.11
N ALA F 71 26.74 0.42 -12.24
CA ALA F 71 26.52 1.82 -12.54
C ALA F 71 27.43 2.29 -13.67
N ASP F 72 28.64 1.70 -13.76
CA ASP F 72 29.56 2.03 -14.82
C ASP F 72 29.05 1.45 -16.14
N ALA F 73 28.50 0.24 -16.07
CA ALA F 73 27.96 -0.39 -17.26
C ALA F 73 26.76 0.41 -17.74
N GLY F 74 25.95 0.94 -16.84
CA GLY F 74 24.82 1.73 -17.24
C GLY F 74 25.27 3.01 -17.93
N LEU F 75 26.32 3.64 -17.42
CA LEU F 75 26.82 4.83 -18.07
C LEU F 75 27.40 4.47 -19.44
N ALA F 76 28.05 3.30 -19.55
CA ALA F 76 28.52 2.81 -20.84
C ALA F 76 27.35 2.51 -21.76
N MET F 77 26.26 1.98 -21.21
CA MET F 77 25.06 1.74 -22.00
C MET F 77 24.43 3.06 -22.40
N LEU F 78 24.50 4.08 -21.55
CA LEU F 78 24.03 5.42 -21.92
C LEU F 78 24.90 5.99 -23.01
N ARG F 79 26.20 5.68 -23.02
CA ARG F 79 27.07 6.18 -24.07
C ARG F 79 26.73 5.48 -25.37
N PHE F 80 26.34 4.19 -25.31
CA PHE F 80 25.87 3.50 -26.50
C PHE F 80 24.63 4.16 -27.06
N TRP F 81 23.71 4.53 -26.18
CA TRP F 81 22.49 5.16 -26.62
C TRP F 81 22.78 6.45 -27.36
N LEU F 82 23.79 7.19 -26.92
CA LEU F 82 24.16 8.40 -27.63
C LEU F 82 24.62 8.01 -29.03
N ARG F 83 25.49 6.98 -29.12
CA ARG F 83 26.04 6.60 -30.41
C ARG F 83 24.93 6.02 -31.30
N PHE F 84 23.96 5.34 -30.71
CA PHE F 84 22.88 4.76 -31.50
C PHE F 84 21.91 5.83 -31.94
N LEU F 85 21.46 6.68 -31.01
CA LEU F 85 20.51 7.72 -31.36
C LEU F 85 21.13 8.72 -32.32
N ALA F 86 22.46 8.82 -32.40
CA ALA F 86 23.05 9.69 -33.40
C ALA F 86 22.75 9.15 -34.80
N GLY F 87 23.02 7.86 -35.03
CA GLY F 87 22.71 7.23 -36.30
C GLY F 87 21.34 6.57 -36.27
N ILE F 88 20.30 7.38 -36.11
CA ILE F 88 18.94 6.87 -36.13
C ILE F 88 18.29 7.57 -37.32
N GLN F 89 19.04 8.51 -37.91
CA GLN F 89 18.67 9.21 -39.14
C GLN F 89 17.52 10.23 -38.97
N LYS F 90 17.26 10.92 -40.08
CA LYS F 90 16.10 11.79 -40.19
C LYS F 90 16.26 12.99 -39.27
N PRO F 91 15.31 13.96 -39.21
CA PRO F 91 15.44 15.03 -38.25
C PRO F 91 15.60 14.60 -36.79
N HIS F 92 15.41 13.31 -36.48
CA HIS F 92 15.38 12.90 -35.08
C HIS F 92 16.71 12.32 -34.64
N ALA F 93 17.79 12.61 -35.37
CA ALA F 93 19.11 12.22 -34.89
C ALA F 93 19.51 13.09 -33.71
N MET F 94 20.07 12.47 -32.67
CA MET F 94 20.76 13.25 -31.66
C MET F 94 21.94 13.98 -32.30
N THR F 95 21.87 15.31 -32.37
CA THR F 95 22.82 16.09 -33.14
C THR F 95 24.24 15.85 -32.64
N PRO F 96 25.28 15.94 -33.48
CA PRO F 96 26.62 15.53 -33.03
C PRO F 96 27.12 16.43 -31.89
N HIS F 97 26.63 17.68 -31.85
CA HIS F 97 26.90 18.57 -30.73
C HIS F 97 26.36 17.95 -29.44
N GLN F 98 25.13 17.44 -29.48
CA GLN F 98 24.52 16.88 -28.28
C GLN F 98 25.27 15.63 -27.83
N VAL F 99 25.80 14.88 -28.78
CA VAL F 99 26.48 13.61 -28.43
C VAL F 99 27.80 13.96 -27.75
N GLU F 100 28.44 15.07 -28.14
CA GLU F 100 29.65 15.54 -27.48
C GLU F 100 29.28 16.24 -26.16
N THR F 101 28.28 17.11 -26.18
CA THR F 101 27.92 17.91 -25.02
C THR F 101 27.19 17.10 -23.96
N ALA F 102 26.80 15.86 -24.25
CA ALA F 102 26.29 14.94 -23.23
C ALA F 102 27.39 13.96 -22.85
N GLN F 103 28.30 13.66 -23.77
CA GLN F 103 29.45 12.78 -23.37
C GLN F 103 30.29 13.53 -22.35
N VAL F 104 30.26 14.85 -22.35
CA VAL F 104 30.92 15.68 -21.35
C VAL F 104 30.21 15.53 -19.99
N LEU F 105 28.88 15.56 -19.99
CA LEU F 105 28.14 15.38 -18.75
C LEU F 105 28.32 13.95 -18.24
N ILE F 106 28.30 12.98 -19.16
CA ILE F 106 28.48 11.60 -18.75
C ILE F 106 29.93 11.36 -18.30
N ALA F 107 30.88 12.09 -18.87
CA ALA F 107 32.26 11.94 -18.46
C ALA F 107 32.44 12.47 -17.05
N GLU F 108 31.73 13.55 -16.70
CA GLU F 108 31.78 14.08 -15.33
C GLU F 108 31.31 13.01 -14.36
N VAL F 109 30.21 12.35 -14.71
CA VAL F 109 29.69 11.28 -13.86
C VAL F 109 30.59 10.07 -13.92
N GLY F 110 31.29 9.89 -15.03
CA GLY F 110 32.22 8.78 -15.18
C GLY F 110 33.46 9.00 -14.33
N ARG F 111 33.88 10.25 -14.21
CA ARG F 111 35.08 10.54 -13.43
C ARG F 111 34.79 10.37 -11.95
N ILE F 112 33.59 10.73 -11.51
CA ILE F 112 33.19 10.56 -10.12
C ILE F 112 33.03 9.07 -9.84
N LEU F 113 32.52 8.32 -10.80
CA LEU F 113 32.35 6.89 -10.64
C LEU F 113 33.69 6.19 -10.58
N GLY F 114 34.65 6.68 -11.37
CA GLY F 114 35.98 6.09 -11.38
C GLY F 114 36.68 6.29 -10.03
N SER F 115 36.56 7.51 -9.48
CA SER F 115 37.11 7.80 -8.17
C SER F 115 36.39 6.98 -7.11
N TRP F 116 35.08 6.76 -7.30
CA TRP F 116 34.29 6.01 -6.35
C TRP F 116 34.72 4.55 -6.36
N ILE F 117 34.88 3.98 -7.56
CA ILE F 117 35.26 2.59 -7.68
C ILE F 117 36.66 2.40 -7.09
N ALA F 118 37.56 3.34 -7.36
CA ALA F 118 38.92 3.26 -6.86
C ALA F 118 38.95 3.40 -5.34
N ARG F 119 38.12 4.29 -4.79
CA ARG F 119 38.04 4.49 -3.35
C ARG F 119 37.63 3.18 -2.65
N VAL F 120 36.73 2.42 -3.26
CA VAL F 120 36.27 1.19 -2.66
C VAL F 120 37.29 0.06 -2.88
N ASN F 121 37.87 0.00 -4.08
CA ASN F 121 38.83 -1.05 -4.39
C ASN F 121 40.10 -0.90 -3.54
N ARG F 122 40.62 0.32 -3.46
CA ARG F 122 41.72 0.61 -2.55
C ARG F 122 41.13 1.22 -1.28
N LYS F 123 40.64 0.32 -0.43
CA LYS F 123 39.85 0.67 0.75
C LYS F 123 40.55 1.76 1.57
#